data_1WV5
# 
_entry.id   1WV5 
# 
_audit_conform.dict_name       mmcif_pdbx.dic 
_audit_conform.dict_version    5.388 
_audit_conform.dict_location   http://mmcif.pdb.org/dictionaries/ascii/mmcif_pdbx.dic 
# 
loop_
_database_2.database_id 
_database_2.database_code 
_database_2.pdbx_database_accession 
_database_2.pdbx_DOI 
PDB   1WV5         pdb_00001wv5 10.2210/pdb1wv5/pdb 
NDB   AD0035       ?            ?                   
RCSB  RCSB024037   ?            ?                   
WWPDB D_1000024037 ?            ?                   
# 
loop_
_pdbx_audit_revision_history.ordinal 
_pdbx_audit_revision_history.data_content_type 
_pdbx_audit_revision_history.major_revision 
_pdbx_audit_revision_history.minor_revision 
_pdbx_audit_revision_history.revision_date 
1 'Structure model' 1 0 2005-06-28 
2 'Structure model' 1 1 2008-04-30 
3 'Structure model' 1 2 2011-07-13 
4 'Structure model' 1 3 2024-03-13 
# 
_pdbx_audit_revision_details.ordinal             1 
_pdbx_audit_revision_details.revision_ordinal    1 
_pdbx_audit_revision_details.data_content_type   'Structure model' 
_pdbx_audit_revision_details.provider            repository 
_pdbx_audit_revision_details.type                'Initial release' 
_pdbx_audit_revision_details.description         ? 
_pdbx_audit_revision_details.details             ? 
# 
loop_
_pdbx_audit_revision_group.ordinal 
_pdbx_audit_revision_group.revision_ordinal 
_pdbx_audit_revision_group.data_content_type 
_pdbx_audit_revision_group.group 
1 2 'Structure model' 'Version format compliance' 
2 3 'Structure model' Advisory                    
3 3 'Structure model' 'Version format compliance' 
4 4 'Structure model' 'Data collection'           
5 4 'Structure model' 'Database references'       
6 4 'Structure model' 'Derived calculations'      
# 
loop_
_pdbx_audit_revision_category.ordinal 
_pdbx_audit_revision_category.revision_ordinal 
_pdbx_audit_revision_category.data_content_type 
_pdbx_audit_revision_category.category 
1 4 'Structure model' chem_comp_atom         
2 4 'Structure model' chem_comp_bond         
3 4 'Structure model' database_2             
4 4 'Structure model' pdbx_struct_conn_angle 
5 4 'Structure model' struct_conn            
6 4 'Structure model' struct_site            
# 
loop_
_pdbx_audit_revision_item.ordinal 
_pdbx_audit_revision_item.revision_ordinal 
_pdbx_audit_revision_item.data_content_type 
_pdbx_audit_revision_item.item 
1  4 'Structure model' '_database_2.pdbx_DOI'                      
2  4 'Structure model' '_database_2.pdbx_database_accession'       
3  4 'Structure model' '_pdbx_struct_conn_angle.ptnr1_auth_seq_id' 
4  4 'Structure model' '_pdbx_struct_conn_angle.ptnr3_auth_seq_id' 
5  4 'Structure model' '_pdbx_struct_conn_angle.value'             
6  4 'Structure model' '_struct_conn.pdbx_dist_value'              
7  4 'Structure model' '_struct_conn.pdbx_leaving_atom_flag'       
8  4 'Structure model' '_struct_conn.ptnr2_auth_seq_id'            
9  4 'Structure model' '_struct_site.pdbx_auth_asym_id'            
10 4 'Structure model' '_struct_site.pdbx_auth_comp_id'            
11 4 'Structure model' '_struct_site.pdbx_auth_seq_id'             
# 
_pdbx_database_status.status_code                     REL 
_pdbx_database_status.entry_id                        1WV5 
_pdbx_database_status.recvd_initial_deposition_date   2004-12-11 
_pdbx_database_status.deposit_site                    PDBJ 
_pdbx_database_status.process_site                    PDBJ 
_pdbx_database_status.status_code_sf                  REL 
_pdbx_database_status.status_code_mr                  ? 
_pdbx_database_status.SG_entry                        ? 
_pdbx_database_status.pdb_format_compatible           Y 
_pdbx_database_status.status_code_cs                  ? 
_pdbx_database_status.status_code_nmr_data            ? 
_pdbx_database_status.methods_development_category    ? 
# 
_pdbx_database_related.db_name        PDB 
_pdbx_database_related.db_id          1WV6 
_pdbx_database_related.details        'the same DNA, Sr-form' 
_pdbx_database_related.content_type   unspecified 
# 
loop_
_audit_author.name 
_audit_author.pdbx_ordinal 
'Egli, M.'      1  
'Minasov, G.'   2  
'Tereshko, V.'  3  
'Pallan, P.S.'  4  
'Teplova, M.'   5  
'Inamati, G.B.' 6  
'Lesnik, E.A.'  7  
'Owens, S.R.'   8  
'Ross, B.S.'    9  
'Prakash, T.P.' 10 
'Manoharam, M.' 11 
# 
_citation.id                        primary 
_citation.title                     
;Probing the influence of stereoelectronic effects on the biophysical properties of oligonucleotides: comprehensive analysis of the RNA affinity, nuclease resistance, and crystal structure of ten 2'-O-ribonucleic acid modifications.
;
_citation.journal_abbrev            Biochemistry 
_citation.journal_volume            44 
_citation.page_first                9045 
_citation.page_last                 9057 
_citation.year                      2005 
_citation.journal_id_ASTM           BICHAW 
_citation.country                   US 
_citation.journal_id_ISSN           0006-2960 
_citation.journal_id_CSD            0033 
_citation.book_publisher            ? 
_citation.pdbx_database_id_PubMed   15966728 
_citation.pdbx_database_id_DOI      10.1021/bi050574m 
# 
loop_
_citation_author.citation_id 
_citation_author.name 
_citation_author.ordinal 
_citation_author.identifier_ORCID 
primary 'Egli, M.'      1  ? 
primary 'Minasov, G.'   2  ? 
primary 'Tereshko, V.'  3  ? 
primary 'Pallan, P.S.'  4  ? 
primary 'Teplova, M.'   5  ? 
primary 'Inamati, G.B.' 6  ? 
primary 'Lesnik, E.A.'  7  ? 
primary 'Owens, S.R.'   8  ? 
primary 'Ross, B.S.'    9  ? 
primary 'Prakash, T.P.' 10 ? 
primary 'Manoharan, M.' 11 ? 
# 
loop_
_entity.id 
_entity.type 
_entity.src_method 
_entity.pdbx_description 
_entity.formula_weight 
_entity.pdbx_number_of_molecules 
_entity.pdbx_ec 
_entity.pdbx_mutation 
_entity.pdbx_fragment 
_entity.details 
1 polymer     syn "5'-D(*GP*CP*GP*TP*AP*(2BT)P*AP*CP*GP*C)-3'" 3117.111 2  ? ? ? ? 
2 non-polymer syn 'MAGNESIUM ION'                              24.305   1  ? ? ? ? 
3 water       nat water                                        18.015   31 ? ? ? ? 
# 
_entity_poly.entity_id                      1 
_entity_poly.type                           polydeoxyribonucleotide 
_entity_poly.nstd_linkage                   no 
_entity_poly.nstd_monomer                   yes 
_entity_poly.pdbx_seq_one_letter_code       '(DG)(DC)(DG)(DT)(DA)(2BT)(DA)(DC)(DG)(DC)' 
_entity_poly.pdbx_seq_one_letter_code_can   GCGTATACGC 
_entity_poly.pdbx_strand_id                 A,B 
_entity_poly.pdbx_target_identifier         ? 
# 
loop_
_pdbx_entity_nonpoly.entity_id 
_pdbx_entity_nonpoly.name 
_pdbx_entity_nonpoly.comp_id 
2 'MAGNESIUM ION' MG  
3 water           HOH 
# 
loop_
_entity_poly_seq.entity_id 
_entity_poly_seq.num 
_entity_poly_seq.mon_id 
_entity_poly_seq.hetero 
1 1  DG  n 
1 2  DC  n 
1 3  DG  n 
1 4  DT  n 
1 5  DA  n 
1 6  2BT n 
1 7  DA  n 
1 8  DC  n 
1 9  DG  n 
1 10 DC  n 
# 
loop_
_chem_comp.id 
_chem_comp.type 
_chem_comp.mon_nstd_flag 
_chem_comp.name 
_chem_comp.pdbx_synonyms 
_chem_comp.formula 
_chem_comp.formula_weight 
2BT 'RNA linking' n "2'-O-BUTYL-THYMIDINE"               "2'-O-BUTYL-5-METHYLURIDINE" 'C14 H23 N2 O9 P' 394.314 
DA  'DNA linking' y "2'-DEOXYADENOSINE-5'-MONOPHOSPHATE" ?                            'C10 H14 N5 O6 P' 331.222 
DC  'DNA linking' y "2'-DEOXYCYTIDINE-5'-MONOPHOSPHATE"  ?                            'C9 H14 N3 O7 P'  307.197 
DG  'DNA linking' y "2'-DEOXYGUANOSINE-5'-MONOPHOSPHATE" ?                            'C10 H14 N5 O7 P' 347.221 
DT  'DNA linking' y "THYMIDINE-5'-MONOPHOSPHATE"         ?                            'C10 H15 N2 O8 P' 322.208 
HOH non-polymer   . WATER                                ?                            'H2 O'            18.015  
MG  non-polymer   . 'MAGNESIUM ION'                      ?                            'Mg 2'            24.305  
# 
loop_
_pdbx_poly_seq_scheme.asym_id 
_pdbx_poly_seq_scheme.entity_id 
_pdbx_poly_seq_scheme.seq_id 
_pdbx_poly_seq_scheme.mon_id 
_pdbx_poly_seq_scheme.ndb_seq_num 
_pdbx_poly_seq_scheme.pdb_seq_num 
_pdbx_poly_seq_scheme.auth_seq_num 
_pdbx_poly_seq_scheme.pdb_mon_id 
_pdbx_poly_seq_scheme.auth_mon_id 
_pdbx_poly_seq_scheme.pdb_strand_id 
_pdbx_poly_seq_scheme.pdb_ins_code 
_pdbx_poly_seq_scheme.hetero 
A 1 1  DG  1  1  1  DG  G   A . n 
A 1 2  DC  2  2  2  DC  C   A . n 
A 1 3  DG  3  3  3  DG  G   A . n 
A 1 4  DT  4  4  4  DT  T   A . n 
A 1 5  DA  5  5  5  DA  A   A . n 
A 1 6  2BT 6  6  6  2BT BTL A . n 
A 1 7  DA  7  7  7  DA  A   A . n 
A 1 8  DC  8  8  8  DC  C   A . n 
A 1 9  DG  9  9  9  DG  G   A . n 
A 1 10 DC  10 10 10 DC  C   A . n 
B 1 1  DG  1  11 11 DG  G   B . n 
B 1 2  DC  2  12 12 DC  C   B . n 
B 1 3  DG  3  13 13 DG  G   B . n 
B 1 4  DT  4  14 14 DT  T   B . n 
B 1 5  DA  5  15 15 DA  A   B . n 
B 1 6  2BT 6  16 16 2BT BTL B . n 
B 1 7  DA  7  17 17 DA  A   B . n 
B 1 8  DC  8  18 18 DC  C   B . n 
B 1 9  DG  9  19 19 DG  G   B . n 
B 1 10 DC  10 20 20 DC  C   B . n 
# 
loop_
_pdbx_nonpoly_scheme.asym_id 
_pdbx_nonpoly_scheme.entity_id 
_pdbx_nonpoly_scheme.mon_id 
_pdbx_nonpoly_scheme.ndb_seq_num 
_pdbx_nonpoly_scheme.pdb_seq_num 
_pdbx_nonpoly_scheme.auth_seq_num 
_pdbx_nonpoly_scheme.pdb_mon_id 
_pdbx_nonpoly_scheme.auth_mon_id 
_pdbx_nonpoly_scheme.pdb_strand_id 
_pdbx_nonpoly_scheme.pdb_ins_code 
C 2 MG  1  101 101 MG  MG  A . 
D 3 HOH 1  102 102 HOH HOH A . 
D 3 HOH 2  103 103 HOH HOH A . 
D 3 HOH 3  105 105 HOH HOH A . 
D 3 HOH 4  107 107 HOH HOH A . 
D 3 HOH 5  202 202 HOH HOH A . 
D 3 HOH 6  204 204 HOH HOH A . 
D 3 HOH 7  205 205 HOH HOH A . 
D 3 HOH 8  206 206 HOH HOH A . 
D 3 HOH 9  207 207 HOH HOH A . 
D 3 HOH 10 208 208 HOH HOH A . 
D 3 HOH 11 211 211 HOH HOH A . 
D 3 HOH 12 213 213 HOH HOH A . 
D 3 HOH 13 215 215 HOH HOH A . 
D 3 HOH 14 218 218 HOH HOH A . 
D 3 HOH 15 219 219 HOH HOH A . 
D 3 HOH 16 222 222 HOH HOH A . 
D 3 HOH 17 223 223 HOH HOH A . 
D 3 HOH 18 224 224 HOH HOH A . 
D 3 HOH 19 227 227 HOH HOH A . 
E 3 HOH 1  104 104 HOH HOH B . 
E 3 HOH 2  106 106 HOH HOH B . 
E 3 HOH 3  209 209 HOH HOH B . 
E 3 HOH 4  210 210 HOH HOH B . 
E 3 HOH 5  212 212 HOH HOH B . 
E 3 HOH 6  214 214 HOH HOH B . 
E 3 HOH 7  216 216 HOH HOH B . 
E 3 HOH 8  217 217 HOH HOH B . 
E 3 HOH 9  220 220 HOH HOH B . 
E 3 HOH 10 221 221 HOH HOH B . 
E 3 HOH 11 225 225 HOH HOH B . 
E 3 HOH 12 226 226 HOH HOH B . 
# 
loop_
_pdbx_unobs_or_zero_occ_atoms.id 
_pdbx_unobs_or_zero_occ_atoms.PDB_model_num 
_pdbx_unobs_or_zero_occ_atoms.polymer_flag 
_pdbx_unobs_or_zero_occ_atoms.occupancy_flag 
_pdbx_unobs_or_zero_occ_atoms.auth_asym_id 
_pdbx_unobs_or_zero_occ_atoms.auth_comp_id 
_pdbx_unobs_or_zero_occ_atoms.auth_seq_id 
_pdbx_unobs_or_zero_occ_atoms.PDB_ins_code 
_pdbx_unobs_or_zero_occ_atoms.auth_atom_id 
_pdbx_unobs_or_zero_occ_atoms.label_alt_id 
_pdbx_unobs_or_zero_occ_atoms.label_asym_id 
_pdbx_unobs_or_zero_occ_atoms.label_comp_id 
_pdbx_unobs_or_zero_occ_atoms.label_seq_id 
_pdbx_unobs_or_zero_occ_atoms.label_atom_id 
1 1 Y 1 A 2BT 6  ? "CD'" ? A 2BT 6 "CD'" 
2 1 Y 1 B 2BT 16 ? "CD'" ? B 2BT 6 "CD'" 
# 
loop_
_software.name 
_software.classification 
_software.version 
_software.citation_id 
_software.pdbx_ordinal 
REFMAC    refinement       5.1.9999 ? 1 
HKL-2000  'data reduction' .        ? 2 
SCALEPACK 'data scaling'   .        ? 3 
AMoRE     phasing          .        ? 4 
# 
_cell.entry_id           1WV5 
_cell.length_a           44.435 
_cell.length_b           44.434 
_cell.length_c           69.533 
_cell.angle_alpha        90.00 
_cell.angle_beta         90.00 
_cell.angle_gamma        90.00 
_cell.Z_PDB              16 
_cell.pdbx_unique_axis   ? 
# 
_symmetry.entry_id                         1WV5 
_symmetry.space_group_name_H-M             'P 41 21 2' 
_symmetry.pdbx_full_space_group_name_H-M   ? 
_symmetry.cell_setting                     ? 
_symmetry.Int_Tables_number                92 
_symmetry.space_group_name_Hall            ? 
# 
_exptl.entry_id          1WV5 
_exptl.method            'X-RAY DIFFRACTION' 
_exptl.crystals_number   1 
# 
_exptl_crystal.id                    1 
_exptl_crystal.density_meas          ? 
_exptl_crystal.density_Matthews      2.75 
_exptl_crystal.density_percent_sol   55.32 
_exptl_crystal.description           ? 
_exptl_crystal.F_000                 ? 
_exptl_crystal.preparation           ? 
# 
_exptl_crystal_grow.crystal_id      1 
_exptl_crystal_grow.method          'VAPOR DIFFUSION' 
_exptl_crystal_grow.temp            298 
_exptl_crystal_grow.temp_details    ? 
_exptl_crystal_grow.pH              6.3 
_exptl_crystal_grow.pdbx_details    'MGC2, PEG400, pH 6.3, VAPOR DIFFUSION, temperature 298K' 
_exptl_crystal_grow.pdbx_pH_range   . 
# 
loop_
_exptl_crystal_grow_comp.crystal_id 
_exptl_crystal_grow_comp.id 
_exptl_crystal_grow_comp.sol_id 
_exptl_crystal_grow_comp.name 
_exptl_crystal_grow_comp.volume 
_exptl_crystal_grow_comp.conc 
_exptl_crystal_grow_comp.details 
1 1 1 MGC2   ? ? ? 
1 2 1 PEG400 ? ? ? 
1 3 2 MGC2   ? ? ? 
1 4 2 PEG400 ? ? ? 
# 
_diffrn.id                     1 
_diffrn.ambient_temp           100 
_diffrn.ambient_temp_details   ? 
_diffrn.crystal_id             1 
# 
_diffrn_detector.diffrn_id              1 
_diffrn_detector.detector               CCD 
_diffrn_detector.type                   MARRESEARCH 
_diffrn_detector.pdbx_collection_date   2000-12-24 
_diffrn_detector.details                mirrors 
# 
_diffrn_radiation.diffrn_id                        1 
_diffrn_radiation.wavelength_id                    1 
_diffrn_radiation.pdbx_monochromatic_or_laue_m_l   M 
_diffrn_radiation.monochromator                    ? 
_diffrn_radiation.pdbx_diffrn_protocol             'SINGLE WAVELENGTH' 
_diffrn_radiation.pdbx_scattering_type             x-ray 
# 
_diffrn_radiation_wavelength.id           1 
_diffrn_radiation_wavelength.wavelength   . 
_diffrn_radiation_wavelength.wt           1.0 
# 
_diffrn_source.diffrn_id                   1 
_diffrn_source.source                      SYNCHROTRON 
_diffrn_source.type                        'APS BEAMLINE 17-ID' 
_diffrn_source.pdbx_synchrotron_site       APS 
_diffrn_source.pdbx_synchrotron_beamline   17-ID 
_diffrn_source.pdbx_wavelength             ? 
_diffrn_source.pdbx_wavelength_list        ? 
# 
_reflns.entry_id                     1WV5 
_reflns.observed_criterion_sigma_F   0 
_reflns.observed_criterion_sigma_I   0 
_reflns.d_resolution_high            2.3 
_reflns.d_resolution_low             20 
_reflns.number_all                   3237 
_reflns.number_obs                   3237 
_reflns.percent_possible_obs         ? 
_reflns.pdbx_Rmerge_I_obs            0.075 
_reflns.pdbx_Rsym_value              ? 
_reflns.pdbx_netI_over_sigmaI        ? 
_reflns.B_iso_Wilson_estimate        ? 
_reflns.pdbx_redundancy              4 
_reflns.R_free_details               ? 
_reflns.pdbx_chi_squared             ? 
_reflns.pdbx_scaling_rejects         ? 
_reflns.pdbx_ordinal                 1 
_reflns.pdbx_diffrn_id               1 
# 
_refine.entry_id                                 1WV5 
_refine.ls_number_reflns_obs                     3223 
_refine.ls_number_reflns_all                     3223 
_refine.pdbx_ls_sigma_I                          0 
_refine.pdbx_ls_sigma_F                          0 
_refine.pdbx_data_cutoff_high_absF               ? 
_refine.pdbx_data_cutoff_low_absF                ? 
_refine.pdbx_data_cutoff_high_rms_absF           ? 
_refine.ls_d_res_low                             20.00 
_refine.ls_d_res_high                            2.30 
_refine.ls_percent_reflns_obs                    99.56 
_refine.ls_R_factor_obs                          0.23788 
_refine.ls_R_factor_all                          ? 
_refine.ls_R_factor_R_work                       0.23674 
_refine.ls_R_factor_R_free                       0.26025 
_refine.ls_R_factor_R_free_error                 ? 
_refine.ls_R_factor_R_free_error_details         ? 
_refine.ls_percent_reflns_R_free                 4.3 
_refine.ls_number_reflns_R_free                  144 
_refine.ls_number_parameters                     ? 
_refine.ls_number_restraints                     ? 
_refine.occupancy_min                            ? 
_refine.occupancy_max                            ? 
_refine.correlation_coeff_Fo_to_Fc               0.945 
_refine.correlation_coeff_Fo_to_Fc_free          0.950 
_refine.B_iso_mean                               52.184 
_refine.aniso_B[1][1]                            2.29 
_refine.aniso_B[2][2]                            2.29 
_refine.aniso_B[3][3]                            -4.59 
_refine.aniso_B[1][2]                            0.00 
_refine.aniso_B[1][3]                            0.00 
_refine.aniso_B[2][3]                            0.00 
_refine.solvent_model_details                    MASK 
_refine.solvent_model_param_ksol                 ? 
_refine.solvent_model_param_bsol                 ? 
_refine.pdbx_solvent_vdw_probe_radii             1.20 
_refine.pdbx_solvent_ion_probe_radii             0.80 
_refine.pdbx_solvent_shrinkage_radii             0.80 
_refine.pdbx_ls_cross_valid_method               THROUGHOUT 
_refine.details                                  'HYDROGENS HAVE BEEN ADDED IN THE RIDING POSITIONS' 
_refine.pdbx_starting_model                      ? 
_refine.pdbx_method_to_determine_struct          'MOLECULAR REPLACEMENT' 
_refine.pdbx_isotropic_thermal_model             ? 
_refine.pdbx_stereochemistry_target_values       'MAXIMUM LIKELIHOOD' 
_refine.pdbx_stereochem_target_val_spec_case     ? 
_refine.pdbx_R_Free_selection_details            RANDOM 
_refine.pdbx_overall_ESU_R                       0.307 
_refine.pdbx_overall_ESU_R_Free                  0.226 
_refine.overall_SU_ML                            0.187 
_refine.overall_SU_B                             17.196 
_refine.ls_redundancy_reflns_obs                 ? 
_refine.overall_SU_R_Cruickshank_DPI             ? 
_refine.overall_SU_R_free                        ? 
_refine.ls_wR_factor_R_free                      ? 
_refine.ls_wR_factor_R_work                      ? 
_refine.overall_FOM_free_R_set                   ? 
_refine.overall_FOM_work_R_set                   ? 
_refine.pdbx_refine_id                           'X-RAY DIFFRACTION' 
_refine.pdbx_TLS_residual_ADP_flag               'LIKELY RESIDUAL' 
_refine.pdbx_diffrn_id                           1 
_refine.pdbx_overall_phase_error                 ? 
_refine.pdbx_overall_SU_R_free_Cruickshank_DPI   ? 
_refine.pdbx_overall_SU_R_Blow_DPI               ? 
_refine.pdbx_overall_SU_R_free_Blow_DPI          ? 
# 
_refine_hist.pdbx_refine_id                   'X-RAY DIFFRACTION' 
_refine_hist.cycle_id                         LAST 
_refine_hist.pdbx_number_atoms_protein        0 
_refine_hist.pdbx_number_atoms_nucleic_acid   412 
_refine_hist.pdbx_number_atoms_ligand         1 
_refine_hist.number_atoms_solvent             31 
_refine_hist.number_atoms_total               444 
_refine_hist.d_res_high                       2.30 
_refine_hist.d_res_low                        20.00 
# 
loop_
_refine_ls_restr.type 
_refine_ls_restr.dev_ideal 
_refine_ls_restr.dev_ideal_target 
_refine_ls_restr.weight 
_refine_ls_restr.number 
_refine_ls_restr.pdbx_refine_id 
_refine_ls_restr.pdbx_restraint_function 
r_bond_refined_d             0.016 0.021 ? 460 'X-RAY DIFFRACTION' ? 
r_bond_other_d               0.002 0.020 ? 190 'X-RAY DIFFRACTION' ? 
r_angle_refined_deg          1.817 2.102 ? 708 'X-RAY DIFFRACTION' ? 
r_angle_other_deg            1.355 2.004 ? 482 'X-RAY DIFFRACTION' ? 
r_dihedral_angle_1_deg       ?     ?     ? ?   'X-RAY DIFFRACTION' ? 
r_dihedral_angle_2_deg       ?     ?     ? ?   'X-RAY DIFFRACTION' ? 
r_dihedral_angle_3_deg       ?     ?     ? ?   'X-RAY DIFFRACTION' ? 
r_dihedral_angle_4_deg       ?     ?     ? ?   'X-RAY DIFFRACTION' ? 
r_chiral_restr               0.092 0.200 ? 80  'X-RAY DIFFRACTION' ? 
r_gen_planes_refined         0.009 0.020 ? 206 'X-RAY DIFFRACTION' ? 
r_gen_planes_other           ?     ?     ? ?   'X-RAY DIFFRACTION' ? 
r_nbd_refined                0.122 0.200 ? 43  'X-RAY DIFFRACTION' ? 
r_nbd_other                  0.244 0.200 ? 212 'X-RAY DIFFRACTION' ? 
r_nbtor_refined              ?     ?     ? ?   'X-RAY DIFFRACTION' ? 
r_nbtor_other                0.090 0.200 ? 108 'X-RAY DIFFRACTION' ? 
r_xyhbond_nbd_refined        0.189 0.200 ? 22  'X-RAY DIFFRACTION' ? 
r_xyhbond_nbd_other          ?     ?     ? ?   'X-RAY DIFFRACTION' ? 
r_metal_ion_refined          ?     ?     ? ?   'X-RAY DIFFRACTION' ? 
r_metal_ion_other            ?     ?     ? ?   'X-RAY DIFFRACTION' ? 
r_symmetry_vdw_refined       0.136 0.200 ? 7   'X-RAY DIFFRACTION' ? 
r_symmetry_vdw_other         0.091 0.200 ? 14  'X-RAY DIFFRACTION' ? 
r_symmetry_hbond_refined     0.233 0.200 ? 1   'X-RAY DIFFRACTION' ? 
r_symmetry_hbond_other       ?     ?     ? ?   'X-RAY DIFFRACTION' ? 
r_symmetry_metal_ion_refined ?     ?     ? ?   'X-RAY DIFFRACTION' ? 
r_symmetry_metal_ion_other   ?     ?     ? ?   'X-RAY DIFFRACTION' ? 
r_mcbond_it                  ?     ?     ? ?   'X-RAY DIFFRACTION' ? 
r_mcbond_other               ?     ?     ? ?   'X-RAY DIFFRACTION' ? 
r_mcangle_it                 ?     ?     ? ?   'X-RAY DIFFRACTION' ? 
r_scbond_it                  1.403 3.000 ? 655 'X-RAY DIFFRACTION' ? 
r_scangle_it                 1.977 4.500 ? 704 'X-RAY DIFFRACTION' ? 
r_rigid_bond_restr           ?     ?     ? ?   'X-RAY DIFFRACTION' ? 
r_sphericity_free            ?     ?     ? ?   'X-RAY DIFFRACTION' ? 
r_sphericity_bonded          ?     ?     ? ?   'X-RAY DIFFRACTION' ? 
# 
_refine_ls_shell.pdbx_total_number_of_bins_used   10 
_refine_ls_shell.d_res_high                       2.303 
_refine_ls_shell.d_res_low                        2.426 
_refine_ls_shell.number_reflns_R_work             439 
_refine_ls_shell.R_factor_R_work                  0.368 
_refine_ls_shell.percent_reflns_obs               ? 
_refine_ls_shell.R_factor_R_free                  0.414 
_refine_ls_shell.R_factor_R_free_error            ? 
_refine_ls_shell.percent_reflns_R_free            ? 
_refine_ls_shell.number_reflns_R_free             23 
_refine_ls_shell.redundancy_reflns_obs            ? 
_refine_ls_shell.pdbx_refine_id                   'X-RAY DIFFRACTION' 
_refine_ls_shell.number_reflns_all                ? 
_refine_ls_shell.R_factor_all                     ? 
# 
_struct.entry_id                  1WV5 
_struct.title                     
;X-ray structure of the A-decamer GCGTATACGC with a single 2'-o-butyl thymine in place of T6, Mg-form
;
_struct.pdbx_model_details        ? 
_struct.pdbx_CASP_flag            ? 
_struct.pdbx_model_type_details   ? 
# 
_struct_keywords.entry_id        1WV5 
_struct_keywords.pdbx_keywords   DNA 
_struct_keywords.text            DNA 
# 
loop_
_struct_asym.id 
_struct_asym.pdbx_blank_PDB_chainid_flag 
_struct_asym.pdbx_modified 
_struct_asym.entity_id 
_struct_asym.details 
A N N 1 ? 
B N N 1 ? 
C N N 2 ? 
D N N 3 ? 
E N N 3 ? 
# 
_struct_ref.id                         1 
_struct_ref.entity_id                  1 
_struct_ref.db_name                    PDB 
_struct_ref.db_code                    1WV5 
_struct_ref.pdbx_db_accession          1WV5 
_struct_ref.pdbx_db_isoform            ? 
_struct_ref.pdbx_seq_one_letter_code   ? 
_struct_ref.pdbx_align_begin           ? 
# 
loop_
_struct_ref_seq.align_id 
_struct_ref_seq.ref_id 
_struct_ref_seq.pdbx_PDB_id_code 
_struct_ref_seq.pdbx_strand_id 
_struct_ref_seq.seq_align_beg 
_struct_ref_seq.pdbx_seq_align_beg_ins_code 
_struct_ref_seq.seq_align_end 
_struct_ref_seq.pdbx_seq_align_end_ins_code 
_struct_ref_seq.pdbx_db_accession 
_struct_ref_seq.db_align_beg 
_struct_ref_seq.pdbx_db_align_beg_ins_code 
_struct_ref_seq.db_align_end 
_struct_ref_seq.pdbx_db_align_end_ins_code 
_struct_ref_seq.pdbx_auth_seq_align_beg 
_struct_ref_seq.pdbx_auth_seq_align_end 
1 1 1WV5 A 1 ? 10 ? 1WV5 1  ? 10 ? 1  10 
2 1 1WV5 B 1 ? 10 ? 1WV5 11 ? 20 ? 11 20 
# 
_pdbx_struct_assembly.id                   1 
_pdbx_struct_assembly.details              author_defined_assembly 
_pdbx_struct_assembly.method_details       ? 
_pdbx_struct_assembly.oligomeric_details   dimeric 
_pdbx_struct_assembly.oligomeric_count     2 
# 
_pdbx_struct_assembly_gen.assembly_id       1 
_pdbx_struct_assembly_gen.oper_expression   1 
_pdbx_struct_assembly_gen.asym_id_list      A,B,C,D,E 
# 
_pdbx_struct_oper_list.id                   1 
_pdbx_struct_oper_list.type                 'identity operation' 
_pdbx_struct_oper_list.name                 1_555 
_pdbx_struct_oper_list.symmetry_operation   x,y,z 
_pdbx_struct_oper_list.matrix[1][1]         1.0000000000 
_pdbx_struct_oper_list.matrix[1][2]         0.0000000000 
_pdbx_struct_oper_list.matrix[1][3]         0.0000000000 
_pdbx_struct_oper_list.vector[1]            0.0000000000 
_pdbx_struct_oper_list.matrix[2][1]         0.0000000000 
_pdbx_struct_oper_list.matrix[2][2]         1.0000000000 
_pdbx_struct_oper_list.matrix[2][3]         0.0000000000 
_pdbx_struct_oper_list.vector[2]            0.0000000000 
_pdbx_struct_oper_list.matrix[3][1]         0.0000000000 
_pdbx_struct_oper_list.matrix[3][2]         0.0000000000 
_pdbx_struct_oper_list.matrix[3][3]         1.0000000000 
_pdbx_struct_oper_list.vector[3]            0.0000000000 
# 
_struct_biol.id                    1 
_struct_biol.pdbx_parent_biol_id   ? 
_struct_biol.details               ? 
# 
loop_
_struct_conn.id 
_struct_conn.conn_type_id 
_struct_conn.pdbx_leaving_atom_flag 
_struct_conn.pdbx_PDB_id 
_struct_conn.ptnr1_label_asym_id 
_struct_conn.ptnr1_label_comp_id 
_struct_conn.ptnr1_label_seq_id 
_struct_conn.ptnr1_label_atom_id 
_struct_conn.pdbx_ptnr1_label_alt_id 
_struct_conn.pdbx_ptnr1_PDB_ins_code 
_struct_conn.pdbx_ptnr1_standard_comp_id 
_struct_conn.ptnr1_symmetry 
_struct_conn.ptnr2_label_asym_id 
_struct_conn.ptnr2_label_comp_id 
_struct_conn.ptnr2_label_seq_id 
_struct_conn.ptnr2_label_atom_id 
_struct_conn.pdbx_ptnr2_label_alt_id 
_struct_conn.pdbx_ptnr2_PDB_ins_code 
_struct_conn.ptnr1_auth_asym_id 
_struct_conn.ptnr1_auth_comp_id 
_struct_conn.ptnr1_auth_seq_id 
_struct_conn.ptnr2_auth_asym_id 
_struct_conn.ptnr2_auth_comp_id 
_struct_conn.ptnr2_auth_seq_id 
_struct_conn.ptnr2_symmetry 
_struct_conn.pdbx_ptnr3_label_atom_id 
_struct_conn.pdbx_ptnr3_label_seq_id 
_struct_conn.pdbx_ptnr3_label_comp_id 
_struct_conn.pdbx_ptnr3_label_asym_id 
_struct_conn.pdbx_ptnr3_label_alt_id 
_struct_conn.pdbx_ptnr3_PDB_ins_code 
_struct_conn.details 
_struct_conn.pdbx_dist_value 
_struct_conn.pdbx_value_order 
_struct_conn.pdbx_role 
covale1  covale both ? A DA  5  "O3'" ? ? ? 1_555 A 2BT 6  P  ? ? A DA  5   A 2BT 6   1_555 ? ? ? ? ? ? ?            1.591 ? ? 
covale2  covale both ? A 2BT 6  "O3'" ? ? ? 1_555 A DA  7  P  ? ? A 2BT 6   A DA  7   1_555 ? ? ? ? ? ? ?            1.577 ? ? 
covale3  covale both ? B DA  5  "O3'" ? ? ? 1_555 B 2BT 6  P  ? ? B DA  15  B 2BT 16  1_555 ? ? ? ? ? ? ?            1.597 ? ? 
covale4  covale both ? B 2BT 6  "O3'" ? ? ? 1_555 B DA  7  P  ? ? B 2BT 16  B DA  17  1_555 ? ? ? ? ? ? ?            1.575 ? ? 
metalc1  metalc ?    ? C MG  .  MG    ? ? ? 1_555 D HOH .  O  ? ? A MG  101 A HOH 102 1_555 ? ? ? ? ? ? ?            2.125 ? ? 
metalc2  metalc ?    ? C MG  .  MG    ? ? ? 1_555 D HOH .  O  ? ? A MG  101 A HOH 103 1_555 ? ? ? ? ? ? ?            2.023 ? ? 
metalc3  metalc ?    ? C MG  .  MG    ? ? ? 1_555 D HOH .  O  ? ? A MG  101 A HOH 105 1_555 ? ? ? ? ? ? ?            2.299 ? ? 
hydrog1  hydrog ?    ? A DG  1  N1    ? ? ? 1_555 B DC  10 N3 ? ? A DG  1   B DC  20  1_555 ? ? ? ? ? ? WATSON-CRICK ?     ? ? 
hydrog2  hydrog ?    ? A DG  1  N2    ? ? ? 1_555 B DC  10 O2 ? ? A DG  1   B DC  20  1_555 ? ? ? ? ? ? WATSON-CRICK ?     ? ? 
hydrog3  hydrog ?    ? A DG  1  O6    ? ? ? 1_555 B DC  10 N4 ? ? A DG  1   B DC  20  1_555 ? ? ? ? ? ? WATSON-CRICK ?     ? ? 
hydrog4  hydrog ?    ? A DC  2  N3    ? ? ? 1_555 B DG  9  N1 ? ? A DC  2   B DG  19  1_555 ? ? ? ? ? ? WATSON-CRICK ?     ? ? 
hydrog5  hydrog ?    ? A DC  2  N4    ? ? ? 1_555 B DG  9  O6 ? ? A DC  2   B DG  19  1_555 ? ? ? ? ? ? WATSON-CRICK ?     ? ? 
hydrog6  hydrog ?    ? A DC  2  O2    ? ? ? 1_555 B DG  9  N2 ? ? A DC  2   B DG  19  1_555 ? ? ? ? ? ? WATSON-CRICK ?     ? ? 
hydrog7  hydrog ?    ? A DG  3  N1    ? ? ? 1_555 B DC  8  N3 ? ? A DG  3   B DC  18  1_555 ? ? ? ? ? ? WATSON-CRICK ?     ? ? 
hydrog8  hydrog ?    ? A DG  3  N2    ? ? ? 1_555 B DC  8  O2 ? ? A DG  3   B DC  18  1_555 ? ? ? ? ? ? WATSON-CRICK ?     ? ? 
hydrog9  hydrog ?    ? A DG  3  O6    ? ? ? 1_555 B DC  8  N4 ? ? A DG  3   B DC  18  1_555 ? ? ? ? ? ? WATSON-CRICK ?     ? ? 
hydrog10 hydrog ?    ? A DT  4  N3    ? ? ? 1_555 B DA  7  N1 ? ? A DT  4   B DA  17  1_555 ? ? ? ? ? ? WATSON-CRICK ?     ? ? 
hydrog11 hydrog ?    ? A DT  4  O4    ? ? ? 1_555 B DA  7  N6 ? ? A DT  4   B DA  17  1_555 ? ? ? ? ? ? WATSON-CRICK ?     ? ? 
hydrog12 hydrog ?    ? A DA  5  N1    ? ? ? 1_555 B 2BT 6  N3 ? ? A DA  5   B 2BT 16  1_555 ? ? ? ? ? ? WATSON-CRICK ?     ? ? 
hydrog13 hydrog ?    ? A DA  5  N6    ? ? ? 1_555 B 2BT 6  O4 ? ? A DA  5   B 2BT 16  1_555 ? ? ? ? ? ? WATSON-CRICK ?     ? ? 
hydrog14 hydrog ?    ? A 2BT 6  N3    ? ? ? 1_555 B DA  5  N1 ? ? A 2BT 6   B DA  15  1_555 ? ? ? ? ? ? WATSON-CRICK ?     ? ? 
hydrog15 hydrog ?    ? A 2BT 6  O4    ? ? ? 1_555 B DA  5  N6 ? ? A 2BT 6   B DA  15  1_555 ? ? ? ? ? ? WATSON-CRICK ?     ? ? 
hydrog16 hydrog ?    ? A DA  7  N1    ? ? ? 1_555 B DT  4  N3 ? ? A DA  7   B DT  14  1_555 ? ? ? ? ? ? WATSON-CRICK ?     ? ? 
hydrog17 hydrog ?    ? A DA  7  N6    ? ? ? 1_555 B DT  4  O4 ? ? A DA  7   B DT  14  1_555 ? ? ? ? ? ? WATSON-CRICK ?     ? ? 
hydrog18 hydrog ?    ? A DC  8  N3    ? ? ? 1_555 B DG  3  N1 ? ? A DC  8   B DG  13  1_555 ? ? ? ? ? ? WATSON-CRICK ?     ? ? 
hydrog19 hydrog ?    ? A DC  8  N4    ? ? ? 1_555 B DG  3  O6 ? ? A DC  8   B DG  13  1_555 ? ? ? ? ? ? WATSON-CRICK ?     ? ? 
hydrog20 hydrog ?    ? A DC  8  O2    ? ? ? 1_555 B DG  3  N2 ? ? A DC  8   B DG  13  1_555 ? ? ? ? ? ? WATSON-CRICK ?     ? ? 
hydrog21 hydrog ?    ? A DG  9  N1    ? ? ? 1_555 B DC  2  N3 ? ? A DG  9   B DC  12  1_555 ? ? ? ? ? ? WATSON-CRICK ?     ? ? 
hydrog22 hydrog ?    ? A DG  9  N2    ? ? ? 1_555 B DC  2  O2 ? ? A DG  9   B DC  12  1_555 ? ? ? ? ? ? WATSON-CRICK ?     ? ? 
hydrog23 hydrog ?    ? A DG  9  O6    ? ? ? 1_555 B DC  2  N4 ? ? A DG  9   B DC  12  1_555 ? ? ? ? ? ? WATSON-CRICK ?     ? ? 
hydrog24 hydrog ?    ? A DC  10 N3    ? ? ? 1_555 B DG  1  N1 ? ? A DC  10  B DG  11  1_555 ? ? ? ? ? ? WATSON-CRICK ?     ? ? 
hydrog25 hydrog ?    ? A DC  10 N4    ? ? ? 1_555 B DG  1  O6 ? ? A DC  10  B DG  11  1_555 ? ? ? ? ? ? WATSON-CRICK ?     ? ? 
hydrog26 hydrog ?    ? A DC  10 O2    ? ? ? 1_555 B DG  1  N2 ? ? A DC  10  B DG  11  1_555 ? ? ? ? ? ? WATSON-CRICK ?     ? ? 
# 
loop_
_struct_conn_type.id 
_struct_conn_type.criteria 
_struct_conn_type.reference 
covale ? ? 
metalc ? ? 
hydrog ? ? 
# 
loop_
_pdbx_struct_conn_angle.id 
_pdbx_struct_conn_angle.ptnr1_label_atom_id 
_pdbx_struct_conn_angle.ptnr1_label_alt_id 
_pdbx_struct_conn_angle.ptnr1_label_asym_id 
_pdbx_struct_conn_angle.ptnr1_label_comp_id 
_pdbx_struct_conn_angle.ptnr1_label_seq_id 
_pdbx_struct_conn_angle.ptnr1_auth_atom_id 
_pdbx_struct_conn_angle.ptnr1_auth_asym_id 
_pdbx_struct_conn_angle.ptnr1_auth_comp_id 
_pdbx_struct_conn_angle.ptnr1_auth_seq_id 
_pdbx_struct_conn_angle.ptnr1_PDB_ins_code 
_pdbx_struct_conn_angle.ptnr1_symmetry 
_pdbx_struct_conn_angle.ptnr2_label_atom_id 
_pdbx_struct_conn_angle.ptnr2_label_alt_id 
_pdbx_struct_conn_angle.ptnr2_label_asym_id 
_pdbx_struct_conn_angle.ptnr2_label_comp_id 
_pdbx_struct_conn_angle.ptnr2_label_seq_id 
_pdbx_struct_conn_angle.ptnr2_auth_atom_id 
_pdbx_struct_conn_angle.ptnr2_auth_asym_id 
_pdbx_struct_conn_angle.ptnr2_auth_comp_id 
_pdbx_struct_conn_angle.ptnr2_auth_seq_id 
_pdbx_struct_conn_angle.ptnr2_PDB_ins_code 
_pdbx_struct_conn_angle.ptnr2_symmetry 
_pdbx_struct_conn_angle.ptnr3_label_atom_id 
_pdbx_struct_conn_angle.ptnr3_label_alt_id 
_pdbx_struct_conn_angle.ptnr3_label_asym_id 
_pdbx_struct_conn_angle.ptnr3_label_comp_id 
_pdbx_struct_conn_angle.ptnr3_label_seq_id 
_pdbx_struct_conn_angle.ptnr3_auth_atom_id 
_pdbx_struct_conn_angle.ptnr3_auth_asym_id 
_pdbx_struct_conn_angle.ptnr3_auth_comp_id 
_pdbx_struct_conn_angle.ptnr3_auth_seq_id 
_pdbx_struct_conn_angle.ptnr3_PDB_ins_code 
_pdbx_struct_conn_angle.ptnr3_symmetry 
_pdbx_struct_conn_angle.value 
_pdbx_struct_conn_angle.value_esd 
1 O ? D HOH . ? A HOH 102 ? 1_555 MG ? C MG . ? A MG 101 ? 1_555 O ? D HOH . ? A HOH 103 ? 1_555 95.2 ? 
2 O ? D HOH . ? A HOH 102 ? 1_555 MG ? C MG . ? A MG 101 ? 1_555 O ? D HOH . ? A HOH 105 ? 1_555 71.3 ? 
3 O ? D HOH . ? A HOH 103 ? 1_555 MG ? C MG . ? A MG 101 ? 1_555 O ? D HOH . ? A HOH 105 ? 1_555 76.3 ? 
# 
_struct_site.id                   AC1 
_struct_site.pdbx_evidence_code   Software 
_struct_site.pdbx_auth_asym_id    A 
_struct_site.pdbx_auth_comp_id    MG 
_struct_site.pdbx_auth_seq_id     101 
_struct_site.pdbx_auth_ins_code   ? 
_struct_site.pdbx_num_residues    5 
_struct_site.details              'BINDING SITE FOR RESIDUE MG A 101' 
# 
loop_
_struct_site_gen.id 
_struct_site_gen.site_id 
_struct_site_gen.pdbx_num_res 
_struct_site_gen.label_comp_id 
_struct_site_gen.label_asym_id 
_struct_site_gen.label_seq_id 
_struct_site_gen.pdbx_auth_ins_code 
_struct_site_gen.auth_comp_id 
_struct_site_gen.auth_asym_id 
_struct_site_gen.auth_seq_id 
_struct_site_gen.label_atom_id 
_struct_site_gen.label_alt_id 
_struct_site_gen.symmetry 
_struct_site_gen.details 
1 AC1 5 HOH D . ? HOH A 102 . ? 1_555 ? 
2 AC1 5 HOH D . ? HOH A 103 . ? 1_555 ? 
3 AC1 5 HOH D . ? HOH A 105 . ? 1_555 ? 
4 AC1 5 HOH E . ? HOH B 106 . ? 1_555 ? 
5 AC1 5 HOH E . ? HOH B 225 . ? 1_555 ? 
# 
loop_
_pdbx_validate_rmsd_bond.id 
_pdbx_validate_rmsd_bond.PDB_model_num 
_pdbx_validate_rmsd_bond.auth_atom_id_1 
_pdbx_validate_rmsd_bond.auth_asym_id_1 
_pdbx_validate_rmsd_bond.auth_comp_id_1 
_pdbx_validate_rmsd_bond.auth_seq_id_1 
_pdbx_validate_rmsd_bond.PDB_ins_code_1 
_pdbx_validate_rmsd_bond.label_alt_id_1 
_pdbx_validate_rmsd_bond.auth_atom_id_2 
_pdbx_validate_rmsd_bond.auth_asym_id_2 
_pdbx_validate_rmsd_bond.auth_comp_id_2 
_pdbx_validate_rmsd_bond.auth_seq_id_2 
_pdbx_validate_rmsd_bond.PDB_ins_code_2 
_pdbx_validate_rmsd_bond.label_alt_id_2 
_pdbx_validate_rmsd_bond.bond_value 
_pdbx_validate_rmsd_bond.bond_target_value 
_pdbx_validate_rmsd_bond.bond_deviation 
_pdbx_validate_rmsd_bond.bond_standard_deviation 
_pdbx_validate_rmsd_bond.linker_flag 
1 1 "O3'" A DG 3  ? ? "C3'" A DG 3  ? ? 1.377 1.419 -0.042 0.006 N 
2 1 "O3'" A DT 4  ? ? "C3'" A DT 4  ? ? 1.371 1.419 -0.048 0.006 N 
3 1 "O3'" B DA 17 ? ? "C3'" B DA 17 ? ? 1.365 1.419 -0.054 0.006 N 
# 
loop_
_pdbx_validate_rmsd_angle.id 
_pdbx_validate_rmsd_angle.PDB_model_num 
_pdbx_validate_rmsd_angle.auth_atom_id_1 
_pdbx_validate_rmsd_angle.auth_asym_id_1 
_pdbx_validate_rmsd_angle.auth_comp_id_1 
_pdbx_validate_rmsd_angle.auth_seq_id_1 
_pdbx_validate_rmsd_angle.PDB_ins_code_1 
_pdbx_validate_rmsd_angle.label_alt_id_1 
_pdbx_validate_rmsd_angle.auth_atom_id_2 
_pdbx_validate_rmsd_angle.auth_asym_id_2 
_pdbx_validate_rmsd_angle.auth_comp_id_2 
_pdbx_validate_rmsd_angle.auth_seq_id_2 
_pdbx_validate_rmsd_angle.PDB_ins_code_2 
_pdbx_validate_rmsd_angle.label_alt_id_2 
_pdbx_validate_rmsd_angle.auth_atom_id_3 
_pdbx_validate_rmsd_angle.auth_asym_id_3 
_pdbx_validate_rmsd_angle.auth_comp_id_3 
_pdbx_validate_rmsd_angle.auth_seq_id_3 
_pdbx_validate_rmsd_angle.PDB_ins_code_3 
_pdbx_validate_rmsd_angle.label_alt_id_3 
_pdbx_validate_rmsd_angle.angle_value 
_pdbx_validate_rmsd_angle.angle_target_value 
_pdbx_validate_rmsd_angle.angle_deviation 
_pdbx_validate_rmsd_angle.angle_standard_deviation 
_pdbx_validate_rmsd_angle.linker_flag 
1  1 "O4'" A DG  3  ? ? "C1'" A DG  3  ? ? N9    A DG 3  ? ? 111.18 108.30 2.88  0.30 N 
2  1 "O4'" A DT  4  ? ? "C4'" A DT  4  ? ? "C3'" A DT 4  ? ? 102.07 104.50 -2.43 0.40 N 
3  1 N3    A DT  4  ? ? C4    A DT  4  ? ? O4    A DT 4  ? ? 123.54 119.90 3.64  0.60 N 
4  1 C5    A DT  4  ? ? C4    A DT  4  ? ? O4    A DT 4  ? ? 119.94 124.90 -4.96 0.70 N 
5  1 "O4'" A DA  5  ? ? "C1'" A DA  5  ? ? N9    A DA 5  ? ? 112.78 108.30 4.48  0.30 N 
6  1 "C3'" A 2BT 6  ? ? "O3'" A 2BT 6  ? ? P     A DA 7  ? ? 128.36 119.70 8.66  1.20 Y 
7  1 "O4'" A DC  8  ? ? "C1'" A DC  8  ? ? N1    A DC 8  ? ? 110.65 108.30 2.35  0.30 N 
8  1 "O4'" A DC  10 ? ? "C1'" A DC  10 ? ? N1    A DC 10 ? ? 111.85 108.30 3.55  0.30 N 
9  1 "O4'" B DG  11 ? ? "C1'" B DG  11 ? ? N9    B DG 11 ? ? 111.49 108.30 3.19  0.30 N 
10 1 "O4'" B DC  12 ? ? "C1'" B DC  12 ? ? N1    B DC 12 ? ? 110.95 108.30 2.65  0.30 N 
11 1 "O4'" B DT  14 ? ? "C1'" B DT  14 ? ? N1    B DT 14 ? ? 110.36 108.30 2.06  0.30 N 
12 1 "O4'" B DA  15 ? ? "C4'" B DA  15 ? ? "C3'" B DA 15 ? ? 102.08 104.50 -2.42 0.40 N 
13 1 "O4'" B DC  18 ? ? "C4'" B DC  18 ? ? "C3'" B DC 18 ? ? 100.22 104.50 -4.28 0.40 N 
14 1 "C4'" B DC  18 ? ? "C3'" B DC  18 ? ? "C2'" B DC 18 ? ? 97.53  102.20 -4.67 0.70 N 
15 1 "O4'" B DG  19 ? ? "C4'" B DG  19 ? ? "C3'" B DG 19 ? ? 101.42 104.50 -3.08 0.40 N 
16 1 "O4'" B DC  20 ? ? "C1'" B DC  20 ? ? N1    B DC 20 ? ? 111.96 108.30 3.66  0.30 N 
# 
loop_
_pdbx_struct_mod_residue.id 
_pdbx_struct_mod_residue.label_asym_id 
_pdbx_struct_mod_residue.label_comp_id 
_pdbx_struct_mod_residue.label_seq_id 
_pdbx_struct_mod_residue.auth_asym_id 
_pdbx_struct_mod_residue.auth_comp_id 
_pdbx_struct_mod_residue.auth_seq_id 
_pdbx_struct_mod_residue.PDB_ins_code 
_pdbx_struct_mod_residue.parent_comp_id 
_pdbx_struct_mod_residue.details 
1 A 2BT 6 A 2BT 6  ? DT "2'-O-BUTYL-THYMIDINE" 
2 B 2BT 6 B 2BT 16 ? DT "2'-O-BUTYL-THYMIDINE" 
# 
_pdbx_refine_tls.id               1 
_pdbx_refine_tls.details          ? 
_pdbx_refine_tls.method           refined 
_pdbx_refine_tls.origin_x         -0.0328 
_pdbx_refine_tls.origin_y         -0.0678 
_pdbx_refine_tls.origin_z         -0.1207 
_pdbx_refine_tls.T[1][1]          -0.2817 
_pdbx_refine_tls.T[2][2]          -0.2686 
_pdbx_refine_tls.T[3][3]          -0.1057 
_pdbx_refine_tls.T[1][2]          -0.0397 
_pdbx_refine_tls.T[1][3]          0.0563 
_pdbx_refine_tls.T[2][3]          0.0046 
_pdbx_refine_tls.L[1][1]          4.3320 
_pdbx_refine_tls.L[2][2]          2.6785 
_pdbx_refine_tls.L[3][3]          5.3754 
_pdbx_refine_tls.L[1][2]          -0.1884 
_pdbx_refine_tls.L[1][3]          0.4889 
_pdbx_refine_tls.L[2][3]          -0.0996 
_pdbx_refine_tls.S[1][1]          -0.1722 
_pdbx_refine_tls.S[1][2]          -0.2340 
_pdbx_refine_tls.S[1][3]          -0.2983 
_pdbx_refine_tls.S[2][1]          -0.2804 
_pdbx_refine_tls.S[2][2]          0.1919 
_pdbx_refine_tls.S[2][3]          -0.2136 
_pdbx_refine_tls.S[3][1]          0.2817 
_pdbx_refine_tls.S[3][2]          0.4664 
_pdbx_refine_tls.S[3][3]          -0.0197 
_pdbx_refine_tls.pdbx_refine_id   'X-RAY DIFFRACTION' 
# 
loop_
_pdbx_refine_tls_group.id 
_pdbx_refine_tls_group.refine_tls_id 
_pdbx_refine_tls_group.beg_auth_asym_id 
_pdbx_refine_tls_group.beg_auth_seq_id 
_pdbx_refine_tls_group.beg_label_asym_id 
_pdbx_refine_tls_group.beg_label_seq_id 
_pdbx_refine_tls_group.end_auth_asym_id 
_pdbx_refine_tls_group.end_auth_seq_id 
_pdbx_refine_tls_group.end_label_asym_id 
_pdbx_refine_tls_group.end_label_seq_id 
_pdbx_refine_tls_group.selection 
_pdbx_refine_tls_group.pdbx_refine_id 
_pdbx_refine_tls_group.selection_details 
1 1 A 1   A 1 A 10  A 10 ? 'X-RAY DIFFRACTION' ? 
2 1 B 11  B 1 B 20  B 10 ? 'X-RAY DIFFRACTION' ? 
3 1 A 101 C ? A 227 D ?  ? 'X-RAY DIFFRACTION' ? 
# 
loop_
_chem_comp_atom.comp_id 
_chem_comp_atom.atom_id 
_chem_comp_atom.type_symbol 
_chem_comp_atom.pdbx_aromatic_flag 
_chem_comp_atom.pdbx_stereo_config 
_chem_comp_atom.pdbx_ordinal 
2BT P      P  N N 1   
2BT OP3    O  N N 2   
2BT OP2    O  N N 3   
2BT "O5'"  O  N N 4   
2BT "C5'"  C  N N 5   
2BT "C4'"  C  N R 6   
2BT "O4'"  O  N N 7   
2BT "C1'"  C  N R 8   
2BT N1     N  N N 9   
2BT C2     C  N N 10  
2BT O2     O  N N 11  
2BT N3     N  N N 12  
2BT C4     C  N N 13  
2BT O4     O  N N 14  
2BT C5     C  N N 15  
2BT C5M    C  N N 16  
2BT C6     C  N N 17  
2BT "C2'"  C  N R 18  
2BT "O2'"  O  N N 19  
2BT "CA'"  C  N N 20  
2BT "CB'"  C  N N 21  
2BT "CC'"  C  N N 22  
2BT "C3'"  C  N R 23  
2BT "O3'"  O  N N 24  
2BT "CD'"  C  N N 25  
2BT OP1    O  N N 26  
2BT HOP3   H  N N 27  
2BT HOP2   H  N N 28  
2BT "H5'"  H  N N 29  
2BT "H5''" H  N N 30  
2BT "H4'"  H  N N 31  
2BT "H1'"  H  N N 32  
2BT HN3    H  N N 33  
2BT H71    H  N N 34  
2BT H72    H  N N 35  
2BT H73    H  N N 36  
2BT H6     H  N N 37  
2BT "H2'"  H  N N 38  
2BT "HA'1" H  N N 39  
2BT "HA'2" H  N N 40  
2BT "HB'1" H  N N 41  
2BT "HB'2" H  N N 42  
2BT "HC'1" H  N N 43  
2BT "HC'2" H  N N 44  
2BT "H3'"  H  N N 45  
2BT "HO3'" H  N N 46  
2BT "HD'1" H  N N 47  
2BT "HD'2" H  N N 48  
2BT "HD'3" H  N N 49  
DA  OP3    O  N N 50  
DA  P      P  N N 51  
DA  OP1    O  N N 52  
DA  OP2    O  N N 53  
DA  "O5'"  O  N N 54  
DA  "C5'"  C  N N 55  
DA  "C4'"  C  N R 56  
DA  "O4'"  O  N N 57  
DA  "C3'"  C  N S 58  
DA  "O3'"  O  N N 59  
DA  "C2'"  C  N N 60  
DA  "C1'"  C  N R 61  
DA  N9     N  Y N 62  
DA  C8     C  Y N 63  
DA  N7     N  Y N 64  
DA  C5     C  Y N 65  
DA  C6     C  Y N 66  
DA  N6     N  N N 67  
DA  N1     N  Y N 68  
DA  C2     C  Y N 69  
DA  N3     N  Y N 70  
DA  C4     C  Y N 71  
DA  HOP3   H  N N 72  
DA  HOP2   H  N N 73  
DA  "H5'"  H  N N 74  
DA  "H5''" H  N N 75  
DA  "H4'"  H  N N 76  
DA  "H3'"  H  N N 77  
DA  "HO3'" H  N N 78  
DA  "H2'"  H  N N 79  
DA  "H2''" H  N N 80  
DA  "H1'"  H  N N 81  
DA  H8     H  N N 82  
DA  H61    H  N N 83  
DA  H62    H  N N 84  
DA  H2     H  N N 85  
DC  OP3    O  N N 86  
DC  P      P  N N 87  
DC  OP1    O  N N 88  
DC  OP2    O  N N 89  
DC  "O5'"  O  N N 90  
DC  "C5'"  C  N N 91  
DC  "C4'"  C  N R 92  
DC  "O4'"  O  N N 93  
DC  "C3'"  C  N S 94  
DC  "O3'"  O  N N 95  
DC  "C2'"  C  N N 96  
DC  "C1'"  C  N R 97  
DC  N1     N  N N 98  
DC  C2     C  N N 99  
DC  O2     O  N N 100 
DC  N3     N  N N 101 
DC  C4     C  N N 102 
DC  N4     N  N N 103 
DC  C5     C  N N 104 
DC  C6     C  N N 105 
DC  HOP3   H  N N 106 
DC  HOP2   H  N N 107 
DC  "H5'"  H  N N 108 
DC  "H5''" H  N N 109 
DC  "H4'"  H  N N 110 
DC  "H3'"  H  N N 111 
DC  "HO3'" H  N N 112 
DC  "H2'"  H  N N 113 
DC  "H2''" H  N N 114 
DC  "H1'"  H  N N 115 
DC  H41    H  N N 116 
DC  H42    H  N N 117 
DC  H5     H  N N 118 
DC  H6     H  N N 119 
DG  OP3    O  N N 120 
DG  P      P  N N 121 
DG  OP1    O  N N 122 
DG  OP2    O  N N 123 
DG  "O5'"  O  N N 124 
DG  "C5'"  C  N N 125 
DG  "C4'"  C  N R 126 
DG  "O4'"  O  N N 127 
DG  "C3'"  C  N S 128 
DG  "O3'"  O  N N 129 
DG  "C2'"  C  N N 130 
DG  "C1'"  C  N R 131 
DG  N9     N  Y N 132 
DG  C8     C  Y N 133 
DG  N7     N  Y N 134 
DG  C5     C  Y N 135 
DG  C6     C  N N 136 
DG  O6     O  N N 137 
DG  N1     N  N N 138 
DG  C2     C  N N 139 
DG  N2     N  N N 140 
DG  N3     N  N N 141 
DG  C4     C  Y N 142 
DG  HOP3   H  N N 143 
DG  HOP2   H  N N 144 
DG  "H5'"  H  N N 145 
DG  "H5''" H  N N 146 
DG  "H4'"  H  N N 147 
DG  "H3'"  H  N N 148 
DG  "HO3'" H  N N 149 
DG  "H2'"  H  N N 150 
DG  "H2''" H  N N 151 
DG  "H1'"  H  N N 152 
DG  H8     H  N N 153 
DG  H1     H  N N 154 
DG  H21    H  N N 155 
DG  H22    H  N N 156 
DT  OP3    O  N N 157 
DT  P      P  N N 158 
DT  OP1    O  N N 159 
DT  OP2    O  N N 160 
DT  "O5'"  O  N N 161 
DT  "C5'"  C  N N 162 
DT  "C4'"  C  N R 163 
DT  "O4'"  O  N N 164 
DT  "C3'"  C  N S 165 
DT  "O3'"  O  N N 166 
DT  "C2'"  C  N N 167 
DT  "C1'"  C  N R 168 
DT  N1     N  N N 169 
DT  C2     C  N N 170 
DT  O2     O  N N 171 
DT  N3     N  N N 172 
DT  C4     C  N N 173 
DT  O4     O  N N 174 
DT  C5     C  N N 175 
DT  C7     C  N N 176 
DT  C6     C  N N 177 
DT  HOP3   H  N N 178 
DT  HOP2   H  N N 179 
DT  "H5'"  H  N N 180 
DT  "H5''" H  N N 181 
DT  "H4'"  H  N N 182 
DT  "H3'"  H  N N 183 
DT  "HO3'" H  N N 184 
DT  "H2'"  H  N N 185 
DT  "H2''" H  N N 186 
DT  "H1'"  H  N N 187 
DT  H3     H  N N 188 
DT  H71    H  N N 189 
DT  H72    H  N N 190 
DT  H73    H  N N 191 
DT  H6     H  N N 192 
HOH O      O  N N 193 
HOH H1     H  N N 194 
HOH H2     H  N N 195 
MG  MG     MG N N 196 
# 
loop_
_chem_comp_bond.comp_id 
_chem_comp_bond.atom_id_1 
_chem_comp_bond.atom_id_2 
_chem_comp_bond.value_order 
_chem_comp_bond.pdbx_aromatic_flag 
_chem_comp_bond.pdbx_stereo_config 
_chem_comp_bond.pdbx_ordinal 
2BT P     OP3    sing N N 1   
2BT P     OP2    sing N N 2   
2BT P     "O5'"  sing N N 3   
2BT P     OP1    doub N N 4   
2BT OP3   HOP3   sing N N 5   
2BT OP2   HOP2   sing N N 6   
2BT "O5'" "C5'"  sing N N 7   
2BT "C5'" "C4'"  sing N N 8   
2BT "C5'" "H5'"  sing N N 9   
2BT "C5'" "H5''" sing N N 10  
2BT "C4'" "O4'"  sing N N 11  
2BT "C4'" "C3'"  sing N N 12  
2BT "C4'" "H4'"  sing N N 13  
2BT "O4'" "C1'"  sing N N 14  
2BT "C1'" N1     sing N N 15  
2BT "C1'" "C2'"  sing N N 16  
2BT "C1'" "H1'"  sing N N 17  
2BT N1    C2     sing N N 18  
2BT N1    C6     sing N N 19  
2BT C2    O2     doub N N 20  
2BT C2    N3     sing N N 21  
2BT N3    C4     sing N N 22  
2BT N3    HN3    sing N N 23  
2BT C4    O4     doub N N 24  
2BT C4    C5     sing N N 25  
2BT C5    C5M    sing N N 26  
2BT C5    C6     doub N N 27  
2BT C5M   H71    sing N N 28  
2BT C5M   H72    sing N N 29  
2BT C5M   H73    sing N N 30  
2BT C6    H6     sing N N 31  
2BT "C2'" "O2'"  sing N N 32  
2BT "C2'" "C3'"  sing N N 33  
2BT "C2'" "H2'"  sing N N 34  
2BT "O2'" "CA'"  sing N N 35  
2BT "CA'" "CB'"  sing N N 36  
2BT "CA'" "HA'1" sing N N 37  
2BT "CA'" "HA'2" sing N N 38  
2BT "CB'" "CC'"  sing N N 39  
2BT "CB'" "HB'1" sing N N 40  
2BT "CB'" "HB'2" sing N N 41  
2BT "CC'" "CD'"  sing N N 42  
2BT "CC'" "HC'1" sing N N 43  
2BT "CC'" "HC'2" sing N N 44  
2BT "C3'" "O3'"  sing N N 45  
2BT "C3'" "H3'"  sing N N 46  
2BT "O3'" "HO3'" sing N N 47  
2BT "CD'" "HD'1" sing N N 48  
2BT "CD'" "HD'2" sing N N 49  
2BT "CD'" "HD'3" sing N N 50  
DA  OP3   P      sing N N 51  
DA  OP3   HOP3   sing N N 52  
DA  P     OP1    doub N N 53  
DA  P     OP2    sing N N 54  
DA  P     "O5'"  sing N N 55  
DA  OP2   HOP2   sing N N 56  
DA  "O5'" "C5'"  sing N N 57  
DA  "C5'" "C4'"  sing N N 58  
DA  "C5'" "H5'"  sing N N 59  
DA  "C5'" "H5''" sing N N 60  
DA  "C4'" "O4'"  sing N N 61  
DA  "C4'" "C3'"  sing N N 62  
DA  "C4'" "H4'"  sing N N 63  
DA  "O4'" "C1'"  sing N N 64  
DA  "C3'" "O3'"  sing N N 65  
DA  "C3'" "C2'"  sing N N 66  
DA  "C3'" "H3'"  sing N N 67  
DA  "O3'" "HO3'" sing N N 68  
DA  "C2'" "C1'"  sing N N 69  
DA  "C2'" "H2'"  sing N N 70  
DA  "C2'" "H2''" sing N N 71  
DA  "C1'" N9     sing N N 72  
DA  "C1'" "H1'"  sing N N 73  
DA  N9    C8     sing Y N 74  
DA  N9    C4     sing Y N 75  
DA  C8    N7     doub Y N 76  
DA  C8    H8     sing N N 77  
DA  N7    C5     sing Y N 78  
DA  C5    C6     sing Y N 79  
DA  C5    C4     doub Y N 80  
DA  C6    N6     sing N N 81  
DA  C6    N1     doub Y N 82  
DA  N6    H61    sing N N 83  
DA  N6    H62    sing N N 84  
DA  N1    C2     sing Y N 85  
DA  C2    N3     doub Y N 86  
DA  C2    H2     sing N N 87  
DA  N3    C4     sing Y N 88  
DC  OP3   P      sing N N 89  
DC  OP3   HOP3   sing N N 90  
DC  P     OP1    doub N N 91  
DC  P     OP2    sing N N 92  
DC  P     "O5'"  sing N N 93  
DC  OP2   HOP2   sing N N 94  
DC  "O5'" "C5'"  sing N N 95  
DC  "C5'" "C4'"  sing N N 96  
DC  "C5'" "H5'"  sing N N 97  
DC  "C5'" "H5''" sing N N 98  
DC  "C4'" "O4'"  sing N N 99  
DC  "C4'" "C3'"  sing N N 100 
DC  "C4'" "H4'"  sing N N 101 
DC  "O4'" "C1'"  sing N N 102 
DC  "C3'" "O3'"  sing N N 103 
DC  "C3'" "C2'"  sing N N 104 
DC  "C3'" "H3'"  sing N N 105 
DC  "O3'" "HO3'" sing N N 106 
DC  "C2'" "C1'"  sing N N 107 
DC  "C2'" "H2'"  sing N N 108 
DC  "C2'" "H2''" sing N N 109 
DC  "C1'" N1     sing N N 110 
DC  "C1'" "H1'"  sing N N 111 
DC  N1    C2     sing N N 112 
DC  N1    C6     sing N N 113 
DC  C2    O2     doub N N 114 
DC  C2    N3     sing N N 115 
DC  N3    C4     doub N N 116 
DC  C4    N4     sing N N 117 
DC  C4    C5     sing N N 118 
DC  N4    H41    sing N N 119 
DC  N4    H42    sing N N 120 
DC  C5    C6     doub N N 121 
DC  C5    H5     sing N N 122 
DC  C6    H6     sing N N 123 
DG  OP3   P      sing N N 124 
DG  OP3   HOP3   sing N N 125 
DG  P     OP1    doub N N 126 
DG  P     OP2    sing N N 127 
DG  P     "O5'"  sing N N 128 
DG  OP2   HOP2   sing N N 129 
DG  "O5'" "C5'"  sing N N 130 
DG  "C5'" "C4'"  sing N N 131 
DG  "C5'" "H5'"  sing N N 132 
DG  "C5'" "H5''" sing N N 133 
DG  "C4'" "O4'"  sing N N 134 
DG  "C4'" "C3'"  sing N N 135 
DG  "C4'" "H4'"  sing N N 136 
DG  "O4'" "C1'"  sing N N 137 
DG  "C3'" "O3'"  sing N N 138 
DG  "C3'" "C2'"  sing N N 139 
DG  "C3'" "H3'"  sing N N 140 
DG  "O3'" "HO3'" sing N N 141 
DG  "C2'" "C1'"  sing N N 142 
DG  "C2'" "H2'"  sing N N 143 
DG  "C2'" "H2''" sing N N 144 
DG  "C1'" N9     sing N N 145 
DG  "C1'" "H1'"  sing N N 146 
DG  N9    C8     sing Y N 147 
DG  N9    C4     sing Y N 148 
DG  C8    N7     doub Y N 149 
DG  C8    H8     sing N N 150 
DG  N7    C5     sing Y N 151 
DG  C5    C6     sing N N 152 
DG  C5    C4     doub Y N 153 
DG  C6    O6     doub N N 154 
DG  C6    N1     sing N N 155 
DG  N1    C2     sing N N 156 
DG  N1    H1     sing N N 157 
DG  C2    N2     sing N N 158 
DG  C2    N3     doub N N 159 
DG  N2    H21    sing N N 160 
DG  N2    H22    sing N N 161 
DG  N3    C4     sing N N 162 
DT  OP3   P      sing N N 163 
DT  OP3   HOP3   sing N N 164 
DT  P     OP1    doub N N 165 
DT  P     OP2    sing N N 166 
DT  P     "O5'"  sing N N 167 
DT  OP2   HOP2   sing N N 168 
DT  "O5'" "C5'"  sing N N 169 
DT  "C5'" "C4'"  sing N N 170 
DT  "C5'" "H5'"  sing N N 171 
DT  "C5'" "H5''" sing N N 172 
DT  "C4'" "O4'"  sing N N 173 
DT  "C4'" "C3'"  sing N N 174 
DT  "C4'" "H4'"  sing N N 175 
DT  "O4'" "C1'"  sing N N 176 
DT  "C3'" "O3'"  sing N N 177 
DT  "C3'" "C2'"  sing N N 178 
DT  "C3'" "H3'"  sing N N 179 
DT  "O3'" "HO3'" sing N N 180 
DT  "C2'" "C1'"  sing N N 181 
DT  "C2'" "H2'"  sing N N 182 
DT  "C2'" "H2''" sing N N 183 
DT  "C1'" N1     sing N N 184 
DT  "C1'" "H1'"  sing N N 185 
DT  N1    C2     sing N N 186 
DT  N1    C6     sing N N 187 
DT  C2    O2     doub N N 188 
DT  C2    N3     sing N N 189 
DT  N3    C4     sing N N 190 
DT  N3    H3     sing N N 191 
DT  C4    O4     doub N N 192 
DT  C4    C5     sing N N 193 
DT  C5    C7     sing N N 194 
DT  C5    C6     doub N N 195 
DT  C7    H71    sing N N 196 
DT  C7    H72    sing N N 197 
DT  C7    H73    sing N N 198 
DT  C6    H6     sing N N 199 
HOH O     H1     sing N N 200 
HOH O     H2     sing N N 201 
# 
_ndb_struct_conf_na.entry_id   1WV5 
_ndb_struct_conf_na.feature    'a-form double helix' 
# 
loop_
_ndb_struct_na_base_pair.model_number 
_ndb_struct_na_base_pair.i_label_asym_id 
_ndb_struct_na_base_pair.i_label_comp_id 
_ndb_struct_na_base_pair.i_label_seq_id 
_ndb_struct_na_base_pair.i_symmetry 
_ndb_struct_na_base_pair.j_label_asym_id 
_ndb_struct_na_base_pair.j_label_comp_id 
_ndb_struct_na_base_pair.j_label_seq_id 
_ndb_struct_na_base_pair.j_symmetry 
_ndb_struct_na_base_pair.shear 
_ndb_struct_na_base_pair.stretch 
_ndb_struct_na_base_pair.stagger 
_ndb_struct_na_base_pair.buckle 
_ndb_struct_na_base_pair.propeller 
_ndb_struct_na_base_pair.opening 
_ndb_struct_na_base_pair.pair_number 
_ndb_struct_na_base_pair.pair_name 
_ndb_struct_na_base_pair.i_auth_asym_id 
_ndb_struct_na_base_pair.i_auth_seq_id 
_ndb_struct_na_base_pair.i_PDB_ins_code 
_ndb_struct_na_base_pair.j_auth_asym_id 
_ndb_struct_na_base_pair.j_auth_seq_id 
_ndb_struct_na_base_pair.j_PDB_ins_code 
_ndb_struct_na_base_pair.hbond_type_28 
_ndb_struct_na_base_pair.hbond_type_12 
1 A DG  1  1_555 B DC  10 1_555 -0.313 0.061  0.388  4.162  -5.889  3.975  1  A_DG1:DC20_B  A 1  ? B 20 ? 19 1 
1 A DC  2  1_555 B DG  9  1_555 0.370  -0.293 0.215  7.067  -15.574 2.751  2  A_DC2:DG19_B  A 2  ? B 19 ? 19 1 
1 A DG  3  1_555 B DC  8  1_555 -0.399 -0.128 0.002  -7.348 -15.271 -0.481 3  A_DG3:DC18_B  A 3  ? B 18 ? 19 1 
1 A DT  4  1_555 B DA  7  1_555 -0.296 -0.198 0.021  -0.517 -9.010  -4.331 4  A_DT4:DA17_B  A 4  ? B 17 ? 20 1 
1 A DA  5  1_555 B 2BT 6  1_555 0.310  -0.287 0.136  -0.489 -15.040 -0.444 5  A_DA5:2BT16_B A 5  ? B 16 ? 20 1 
1 A 2BT 6  1_555 B DA  5  1_555 -0.163 -0.315 -0.041 -0.509 -18.164 0.313  6  A_2BT6:DA15_B A 6  ? B 15 ? 20 1 
1 A DA  7  1_555 B DT  4  1_555 0.227  -0.161 -0.051 0.076  -16.118 6.435  7  A_DA7:DT14_B  A 7  ? B 14 ? 20 1 
1 A DC  8  1_555 B DG  3  1_555 -0.155 -0.131 -0.140 7.828  -12.733 2.950  8  A_DC8:DG13_B  A 8  ? B 13 ? 19 1 
1 A DG  9  1_555 B DC  2  1_555 -0.093 -0.176 -0.043 2.427  -7.499  3.377  9  A_DG9:DC12_B  A 9  ? B 12 ? 19 1 
1 A DC  10 1_555 B DG  1  1_555 0.171  -0.098 -0.109 15.146 -7.042  0.284  10 A_DC10:DG11_B A 10 ? B 11 ? 19 1 
# 
loop_
_ndb_struct_na_base_pair_step.model_number 
_ndb_struct_na_base_pair_step.i_label_asym_id_1 
_ndb_struct_na_base_pair_step.i_label_comp_id_1 
_ndb_struct_na_base_pair_step.i_label_seq_id_1 
_ndb_struct_na_base_pair_step.i_symmetry_1 
_ndb_struct_na_base_pair_step.j_label_asym_id_1 
_ndb_struct_na_base_pair_step.j_label_comp_id_1 
_ndb_struct_na_base_pair_step.j_label_seq_id_1 
_ndb_struct_na_base_pair_step.j_symmetry_1 
_ndb_struct_na_base_pair_step.i_label_asym_id_2 
_ndb_struct_na_base_pair_step.i_label_comp_id_2 
_ndb_struct_na_base_pair_step.i_label_seq_id_2 
_ndb_struct_na_base_pair_step.i_symmetry_2 
_ndb_struct_na_base_pair_step.j_label_asym_id_2 
_ndb_struct_na_base_pair_step.j_label_comp_id_2 
_ndb_struct_na_base_pair_step.j_label_seq_id_2 
_ndb_struct_na_base_pair_step.j_symmetry_2 
_ndb_struct_na_base_pair_step.shift 
_ndb_struct_na_base_pair_step.slide 
_ndb_struct_na_base_pair_step.rise 
_ndb_struct_na_base_pair_step.tilt 
_ndb_struct_na_base_pair_step.roll 
_ndb_struct_na_base_pair_step.twist 
_ndb_struct_na_base_pair_step.x_displacement 
_ndb_struct_na_base_pair_step.y_displacement 
_ndb_struct_na_base_pair_step.helical_rise 
_ndb_struct_na_base_pair_step.inclination 
_ndb_struct_na_base_pair_step.tip 
_ndb_struct_na_base_pair_step.helical_twist 
_ndb_struct_na_base_pair_step.step_number 
_ndb_struct_na_base_pair_step.step_name 
_ndb_struct_na_base_pair_step.i_auth_asym_id_1 
_ndb_struct_na_base_pair_step.i_auth_seq_id_1 
_ndb_struct_na_base_pair_step.i_PDB_ins_code_1 
_ndb_struct_na_base_pair_step.j_auth_asym_id_1 
_ndb_struct_na_base_pair_step.j_auth_seq_id_1 
_ndb_struct_na_base_pair_step.j_PDB_ins_code_1 
_ndb_struct_na_base_pair_step.i_auth_asym_id_2 
_ndb_struct_na_base_pair_step.i_auth_seq_id_2 
_ndb_struct_na_base_pair_step.i_PDB_ins_code_2 
_ndb_struct_na_base_pair_step.j_auth_asym_id_2 
_ndb_struct_na_base_pair_step.j_auth_seq_id_2 
_ndb_struct_na_base_pair_step.j_PDB_ins_code_2 
1 A DG  1 1_555 B DC  10 1_555 A DC  2  1_555 B DG  9 1_555 -0.107 -1.416 3.258 0.060  1.855  37.641 -2.429 0.173  3.187 2.873  
-0.092 37.686 1 AA_DG1DC2:DG19DC20_BB   A 1 ? B 20 ? A 2  ? B 19 ? 
1 A DC  2 1_555 B DG  9  1_555 A DG  3  1_555 B DC  8 1_555 -0.533 -1.798 3.386 -0.680 15.391 28.817 -5.633 0.843  2.182 28.499 
1.258  32.599 2 AA_DC2DG3:DC18DG19_BB   A 2 ? B 19 ? A 3  ? B 18 ? 
1 A DG  3 1_555 B DC  8  1_555 A DT  4  1_555 B DA  7 1_555 -0.537 -1.415 3.167 -1.179 4.871  31.414 -3.419 0.778  2.937 8.924  
2.161  31.802 3 AA_DG3DT4:DA17DC18_BB   A 3 ? B 18 ? A 4  ? B 17 ? 
1 A DT  4 1_555 B DA  7  1_555 A DA  5  1_555 B 2BT 6 1_555 0.641  -1.202 3.179 1.338  14.759 34.988 -3.565 -0.831 2.511 23.299 
-2.112 37.906 4 AA_DT4DA5:2BT16DA17_BB  A 4 ? B 17 ? A 5  ? B 16 ? 
1 A DA  5 1_555 B 2BT 6  1_555 A 2BT 6  1_555 B DA  5 1_555 -0.004 -1.372 3.309 2.490  9.017  29.908 -4.166 0.455  2.778 16.957 
-4.683 31.305 5 AA_DA52BT6:DA152BT16_BB A 5 ? B 16 ? A 6  ? B 15 ? 
1 A 2BT 6 1_555 B DA  5  1_555 A DA  7  1_555 B DT  4 1_555 -0.106 -1.187 3.243 1.220  14.341 32.288 -3.915 0.342  2.503 24.335 
-2.070 35.272 6 AA_2BT6DA7:DT14DA15_BB  A 6 ? B 15 ? A 7  ? B 14 ? 
1 A DA  7 1_555 B DT  4  1_555 A DC  8  1_555 B DG  3 1_555 0.392  -1.134 3.163 0.497  4.349  28.128 -3.245 -0.690 2.964 8.880  
-1.015 28.460 7 AA_DA7DC8:DG13DT14_BB   A 7 ? B 14 ? A 8  ? B 13 ? 
1 A DC  8 1_555 B DG  3  1_555 A DG  9  1_555 B DC  2 1_555 0.096  -1.638 3.424 0.859  9.937  29.535 -4.890 -0.020 2.743 18.827 
-1.628 31.138 8 AA_DC8DG9:DC12DG13_BB   A 8 ? B 13 ? A 9  ? B 12 ? 
1 A DG  9 1_555 B DC  2  1_555 A DC  10 1_555 B DG  1 1_555 0.154  -1.385 3.163 -1.071 2.702  28.190 -3.419 -0.549 3.012 5.528  
2.192  28.336 9 AA_DG9DC10:DG11DC12_BB  A 9 ? B 12 ? A 10 ? B 11 ? 
# 
_atom_sites.entry_id                    1WV5 
_atom_sites.fract_transf_matrix[1][1]   0.01378399 
_atom_sites.fract_transf_matrix[1][2]   -0.01768824 
_atom_sites.fract_transf_matrix[1][3]   0.00189811 
_atom_sites.fract_transf_matrix[2][1]   -0.01302389 
_atom_sites.fract_transf_matrix[2][2]   -0.00839794 
_atom_sites.fract_transf_matrix[2][3]   0.01631956 
_atom_sites.fract_transf_matrix[3][1]   -0.00774435 
_atom_sites.fract_transf_matrix[3][2]   -0.00708968 
_atom_sites.fract_transf_matrix[3][3]   -0.00982871 
_atom_sites.fract_transf_vector[1]      0.093486 
_atom_sites.fract_transf_vector[2]      0.787570 
_atom_sites.fract_transf_vector[3]      0.045106 
# 
loop_
_atom_type.symbol 
C  
MG 
N  
O  
P  
# 
loop_
_atom_site.group_PDB 
_atom_site.id 
_atom_site.type_symbol 
_atom_site.label_atom_id 
_atom_site.label_alt_id 
_atom_site.label_comp_id 
_atom_site.label_asym_id 
_atom_site.label_entity_id 
_atom_site.label_seq_id 
_atom_site.pdbx_PDB_ins_code 
_atom_site.Cartn_x 
_atom_site.Cartn_y 
_atom_site.Cartn_z 
_atom_site.occupancy 
_atom_site.B_iso_or_equiv 
_atom_site.pdbx_formal_charge 
_atom_site.auth_seq_id 
_atom_site.auth_comp_id 
_atom_site.auth_asym_id 
_atom_site.auth_atom_id 
_atom_site.pdbx_PDB_model_num 
ATOM   1   O  "O5'" . DG  A 1 1  ? 0.698   -12.497 -2.878  1.00 63.14  ? 1   DG  A "O5'" 1 
ATOM   2   C  "C5'" . DG  A 1 1  ? 0.817   -11.287 -3.608  1.00 62.51  ? 1   DG  A "C5'" 1 
ATOM   3   C  "C4'" . DG  A 1 1  ? 0.787   -11.544 -5.101  1.00 61.18  ? 1   DG  A "C4'" 1 
ATOM   4   O  "O4'" . DG  A 1 1  ? -0.365  -12.351 -5.459  1.00 59.87  ? 1   DG  A "O4'" 1 
ATOM   5   C  "C3'" . DG  A 1 1  ? 0.668   -10.277 -5.910  1.00 60.89  ? 1   DG  A "C3'" 1 
ATOM   6   O  "O3'" . DG  A 1 1  ? 1.931   -9.884  -6.395  1.00 63.61  ? 1   DG  A "O3'" 1 
ATOM   7   C  "C2'" . DG  A 1 1  ? -0.267  -10.647 -7.038  1.00 58.84  ? 1   DG  A "C2'" 1 
ATOM   8   C  "C1'" . DG  A 1 1  ? -1.167  -11.641 -6.371  1.00 55.67  ? 1   DG  A "C1'" 1 
ATOM   9   N  N9    . DG  A 1 1  ? -2.313  -11.109 -5.652  1.00 54.74  ? 1   DG  A N9    1 
ATOM   10  C  C8    . DG  A 1 1  ? -2.572  -11.217 -4.309  1.00 54.68  ? 1   DG  A C8    1 
ATOM   11  N  N7    . DG  A 1 1  ? -3.701  -10.688 -3.943  1.00 55.00  ? 1   DG  A N7    1 
ATOM   12  C  C5    . DG  A 1 1  ? -4.238  -10.225 -5.126  1.00 54.17  ? 1   DG  A C5    1 
ATOM   13  C  C6    . DG  A 1 1  ? -5.460  -9.585  -5.353  1.00 52.83  ? 1   DG  A C6    1 
ATOM   14  O  O6    . DG  A 1 1  ? -6.307  -9.302  -4.519  1.00 52.26  ? 1   DG  A O6    1 
ATOM   15  N  N1    . DG  A 1 1  ? -5.644  -9.262  -6.696  1.00 53.83  ? 1   DG  A N1    1 
ATOM   16  C  C2    . DG  A 1 1  ? -4.741  -9.558  -7.687  1.00 53.91  ? 1   DG  A C2    1 
ATOM   17  N  N2    . DG  A 1 1  ? -5.068  -9.195  -8.931  1.00 53.76  ? 1   DG  A N2    1 
ATOM   18  N  N3    . DG  A 1 1  ? -3.588  -10.172 -7.486  1.00 54.42  ? 1   DG  A N3    1 
ATOM   19  C  C4    . DG  A 1 1  ? -3.404  -10.477 -6.184  1.00 54.49  ? 1   DG  A C4    1 
ATOM   20  P  P     . DC  A 1 2  ? 2.267   -8.326  -6.480  1.00 67.47  ? 2   DC  A P     1 
ATOM   21  O  OP1   . DC  A 1 2  ? 3.603   -8.218  -7.080  1.00 67.96  ? 2   DC  A OP1   1 
ATOM   22  O  OP2   . DC  A 1 2  ? 2.008   -7.679  -5.184  1.00 67.60  ? 2   DC  A OP2   1 
ATOM   23  O  "O5'" . DC  A 1 2  ? 1.235   -7.736  -7.530  1.00 66.53  ? 2   DC  A "O5'" 1 
ATOM   24  C  "C5'" . DC  A 1 2  ? 1.521   -7.750  -8.906  1.00 64.16  ? 2   DC  A "C5'" 1 
ATOM   25  C  "C4'" . DC  A 1 2  ? 0.356   -7.115  -9.602  1.00 63.55  ? 2   DC  A "C4'" 1 
ATOM   26  O  "O4'" . DC  A 1 2  ? -0.828  -7.770  -9.104  1.00 62.05  ? 2   DC  A "O4'" 1 
ATOM   27  C  "C3'" . DC  A 1 2  ? 0.119   -5.652  -9.268  1.00 63.09  ? 2   DC  A "C3'" 1 
ATOM   28  O  "O3'" . DC  A 1 2  ? 0.925   -4.789  -10.042 1.00 62.62  ? 2   DC  A "O3'" 1 
ATOM   29  C  "C2'" . DC  A 1 2  ? -1.348  -5.525  -9.617  1.00 62.91  ? 2   DC  A "C2'" 1 
ATOM   30  C  "C1'" . DC  A 1 2  ? -1.898  -6.855  -9.123  1.00 61.40  ? 2   DC  A "C1'" 1 
ATOM   31  N  N1    . DC  A 1 2  ? -2.505  -6.776  -7.756  1.00 60.78  ? 2   DC  A N1    1 
ATOM   32  C  C2    . DC  A 1 2  ? -3.778  -6.264  -7.658  1.00 58.36  ? 2   DC  A C2    1 
ATOM   33  O  O2    . DC  A 1 2  ? -4.331  -5.899  -8.690  1.00 57.46  ? 2   DC  A O2    1 
ATOM   34  N  N3    . DC  A 1 2  ? -4.352  -6.190  -6.438  1.00 57.96  ? 2   DC  A N3    1 
ATOM   35  C  C4    . DC  A 1 2  ? -3.701  -6.602  -5.357  1.00 58.54  ? 2   DC  A C4    1 
ATOM   36  N  N4    . DC  A 1 2  ? -4.320  -6.507  -4.190  1.00 59.50  ? 2   DC  A N4    1 
ATOM   37  C  C5    . DC  A 1 2  ? -2.383  -7.110  -5.423  1.00 58.00  ? 2   DC  A C5    1 
ATOM   38  C  C6    . DC  A 1 2  ? -1.834  -7.186  -6.634  1.00 59.85  ? 2   DC  A C6    1 
ATOM   39  P  P     . DG  A 1 3  ? 1.351   -3.403  -9.413  1.00 63.81  ? 3   DG  A P     1 
ATOM   40  O  OP1   . DG  A 1 3  ? 2.444   -2.965  -10.266 1.00 66.66  ? 3   DG  A OP1   1 
ATOM   41  O  OP2   . DG  A 1 3  ? 1.569   -3.490  -7.954  1.00 62.81  ? 3   DG  A OP2   1 
ATOM   42  O  "O5'" . DG  A 1 3  ? 0.145   -2.399  -9.615  1.00 60.78  ? 3   DG  A "O5'" 1 
ATOM   43  C  "C5'" . DG  A 1 3  ? -0.356  -2.200  -10.877 1.00 61.61  ? 3   DG  A "C5'" 1 
ATOM   44  C  "C4'" . DG  A 1 3  ? -1.662  -1.446  -10.815 1.00 59.77  ? 3   DG  A "C4'" 1 
ATOM   45  O  "O4'" . DG  A 1 3  ? -2.690  -2.315  -10.318 1.00 61.44  ? 3   DG  A "O4'" 1 
ATOM   46  C  "C3'" . DG  A 1 3  ? -1.712  -0.294  -9.862  1.00 59.61  ? 3   DG  A "C3'" 1 
ATOM   47  O  "O3'" . DG  A 1 3  ? -1.176  0.822   -10.466 1.00 58.90  ? 3   DG  A "O3'" 1 
ATOM   48  C  "C2'" . DG  A 1 3  ? -3.204  -0.157  -9.642  1.00 58.57  ? 3   DG  A "C2'" 1 
ATOM   49  C  "C1'" . DG  A 1 3  ? -3.625  -1.591  -9.549  1.00 57.99  ? 3   DG  A "C1'" 1 
ATOM   50  N  N9    . DG  A 1 3  ? -3.692  -2.104  -8.173  1.00 57.80  ? 3   DG  A N9    1 
ATOM   51  C  C8    . DG  A 1 3  ? -2.810  -2.918  -7.505  1.00 57.63  ? 3   DG  A C8    1 
ATOM   52  N  N7    . DG  A 1 3  ? -3.195  -3.192  -6.286  1.00 58.99  ? 3   DG  A N7    1 
ATOM   53  C  C5    . DG  A 1 3  ? -4.382  -2.492  -6.131  1.00 56.91  ? 3   DG  A C5    1 
ATOM   54  C  C6    . DG  A 1 3  ? -5.259  -2.387  -5.034  1.00 57.83  ? 3   DG  A C6    1 
ATOM   55  O  O6    . DG  A 1 3  ? -5.159  -2.903  -3.917  1.00 59.25  ? 3   DG  A O6    1 
ATOM   56  N  N1    . DG  A 1 3  ? -6.351  -1.573  -5.292  1.00 56.59  ? 3   DG  A N1    1 
ATOM   57  C  C2    . DG  A 1 3  ? -6.578  -0.947  -6.474  1.00 56.55  ? 3   DG  A C2    1 
ATOM   58  N  N2    . DG  A 1 3  ? -7.682  -0.207  -6.548  1.00 57.63  ? 3   DG  A N2    1 
ATOM   59  N  N3    . DG  A 1 3  ? -5.777  -1.040  -7.511  1.00 57.99  ? 3   DG  A N3    1 
ATOM   60  C  C4    . DG  A 1 3  ? -4.700  -1.830  -7.274  1.00 57.58  ? 3   DG  A C4    1 
ATOM   61  P  P     . DT  A 1 4  ? -0.607  1.957   -9.571  1.00 60.56  ? 4   DT  A P     1 
ATOM   62  O  OP1   . DT  A 1 4  ? -0.058  2.969   -10.486 1.00 62.20  ? 4   DT  A OP1   1 
ATOM   63  O  OP2   . DT  A 1 4  ? 0.252   1.397   -8.517  1.00 58.48  ? 4   DT  A OP2   1 
ATOM   64  O  "O5'" . DT  A 1 4  ? -1.927  2.552   -8.958  1.00 60.56  ? 4   DT  A "O5'" 1 
ATOM   65  C  "C5'" . DT  A 1 4  ? -2.637  3.512   -9.686  1.00 61.78  ? 4   DT  A "C5'" 1 
ATOM   66  C  "C4'" . DT  A 1 4  ? -3.778  4.019   -8.867  1.00 60.16  ? 4   DT  A "C4'" 1 
ATOM   67  O  "O4'" . DT  A 1 4  ? -4.508  2.909   -8.343  1.00 61.01  ? 4   DT  A "O4'" 1 
ATOM   68  C  "C3'" . DT  A 1 4  ? -3.379  4.742   -7.629  1.00 60.25  ? 4   DT  A "C3'" 1 
ATOM   69  O  "O3'" . DT  A 1 4  ? -3.018  6.026   -7.945  1.00 60.83  ? 4   DT  A "O3'" 1 
ATOM   70  C  "C2'" . DT  A 1 4  ? -4.676  4.699   -6.854  1.00 60.13  ? 4   DT  A "C2'" 1 
ATOM   71  C  "C1'" . DT  A 1 4  ? -5.103  3.287   -7.131  1.00 60.36  ? 4   DT  A "C1'" 1 
ATOM   72  N  N1    . DT  A 1 4  ? -4.677  2.342   -6.072  1.00 61.99  ? 4   DT  A N1    1 
ATOM   73  C  C2    . DT  A 1 4  ? -5.464  2.230   -4.951  1.00 61.07  ? 4   DT  A C2    1 
ATOM   74  O  O2    . DT  A 1 4  ? -6.474  2.882   -4.812  1.00 61.40  ? 4   DT  A O2    1 
ATOM   75  N  N3    . DT  A 1 4  ? -5.043  1.304   -4.035  1.00 59.74  ? 4   DT  A N3    1 
ATOM   76  C  C4    . DT  A 1 4  ? -3.887  0.558   -4.126  1.00 59.76  ? 4   DT  A C4    1 
ATOM   77  O  O4    . DT  A 1 4  ? -3.525  -0.229  -3.269  1.00 62.49  ? 4   DT  A O4    1 
ATOM   78  C  C5    . DT  A 1 4  ? -3.109  0.736   -5.298  1.00 59.47  ? 4   DT  A C5    1 
ATOM   79  C  C7    . DT  A 1 4  ? -1.744  0.140   -5.324  1.00 60.28  ? 4   DT  A C7    1 
ATOM   80  C  C6    . DT  A 1 4  ? -3.522  1.602   -6.212  1.00 60.32  ? 4   DT  A C6    1 
ATOM   81  P  P     . DA  A 1 5  ? -2.121  6.789   -6.927  1.00 62.84  ? 5   DA  A P     1 
ATOM   82  O  OP1   . DA  A 1 5  ? -2.054  8.124   -7.493  1.00 63.94  ? 5   DA  A OP1   1 
ATOM   83  O  OP2   . DA  A 1 5  ? -0.942  5.967   -6.685  1.00 59.94  ? 5   DA  A OP2   1 
ATOM   84  O  "O5'" . DA  A 1 5  ? -2.903  6.864   -5.537  1.00 63.26  ? 5   DA  A "O5'" 1 
ATOM   85  C  "C5'" . DA  A 1 5  ? -3.747  7.949   -5.285  1.00 63.72  ? 5   DA  A "C5'" 1 
ATOM   86  C  "C4'" . DA  A 1 5  ? -4.472  7.808   -3.971  1.00 61.46  ? 5   DA  A "C4'" 1 
ATOM   87  O  "O4'" . DA  A 1 5  ? -5.062  6.500   -3.886  1.00 61.96  ? 5   DA  A "O4'" 1 
ATOM   88  C  "C3'" . DA  A 1 5  ? -3.579  7.889   -2.769  1.00 62.38  ? 5   DA  A "C3'" 1 
ATOM   89  O  "O3'" . DA  A 1 5  ? -3.264  9.230   -2.439  1.00 63.65  ? 5   DA  A "O3'" 1 
ATOM   90  C  "C2'" . DA  A 1 5  ? -4.483  7.215   -1.768  1.00 62.16  ? 5   DA  A "C2'" 1 
ATOM   91  C  "C1'" . DA  A 1 5  ? -5.001  6.038   -2.555  1.00 60.56  ? 5   DA  A "C1'" 1 
ATOM   92  N  N9    . DA  A 1 5  ? -4.148  4.856   -2.403  1.00 59.78  ? 5   DA  A N9    1 
ATOM   93  C  C8    . DA  A 1 5  ? -3.135  4.417   -3.197  1.00 59.29  ? 5   DA  A C8    1 
ATOM   94  N  N7    . DA  A 1 5  ? -2.564  3.321   -2.755  1.00 60.61  ? 5   DA  A N7    1 
ATOM   95  C  C5    . DA  A 1 5  ? -3.240  3.032   -1.593  1.00 58.80  ? 5   DA  A C5    1 
ATOM   96  C  C6    . DA  A 1 5  ? -3.100  2.009   -0.634  1.00 58.87  ? 5   DA  A C6    1 
ATOM   97  N  N6    . DA  A 1 5  ? -2.212  1.027   -0.726  1.00 59.12  ? 5   DA  A N6    1 
ATOM   98  N  N1    . DA  A 1 5  ? -3.948  2.019   0.399   1.00 58.17  ? 5   DA  A N1    1 
ATOM   99  C  C2    . DA  A 1 5  ? -4.848  3.005   0.490   1.00 59.09  ? 5   DA  A C2    1 
ATOM   100 N  N3    . DA  A 1 5  ? -5.043  4.021   -0.338  1.00 59.65  ? 5   DA  A N3    1 
ATOM   101 C  C4    . DA  A 1 5  ? -4.211  3.972   -1.364  1.00 58.32  ? 5   DA  A C4    1 
HETATM 102 P  P     . 2BT A 1 6  ? -1.905  9.642   -1.722  1.00 67.50  ? 6   2BT A P     1 
HETATM 103 O  OP2   . 2BT A 1 6  ? -0.734  8.826   -2.113  1.00 68.77  ? 6   2BT A OP2   1 
HETATM 104 O  "O5'" . 2BT A 1 6  ? -2.102  9.395   -0.156  1.00 68.71  ? 6   2BT A "O5'" 1 
HETATM 105 C  "C5'" . 2BT A 1 6  ? -3.269  9.852   0.537   1.00 65.89  ? 6   2BT A "C5'" 1 
HETATM 106 C  "C4'" . 2BT A 1 6  ? -3.521  9.118   1.837   1.00 63.03  ? 6   2BT A "C4'" 1 
HETATM 107 O  "O4'" . 2BT A 1 6  ? -3.938  7.799   1.510   1.00 63.62  ? 6   2BT A "O4'" 1 
HETATM 108 C  "C1'" . 2BT A 1 6  ? -3.566  6.939   2.556   1.00 61.73  ? 6   2BT A "C1'" 1 
HETATM 109 N  N1    . 2BT A 1 6  ? -2.618  5.940   2.012   1.00 60.94  ? 6   2BT A N1    1 
HETATM 110 C  C2    . 2BT A 1 6  ? -2.441  4.763   2.695   1.00 60.18  ? 6   2BT A C2    1 
HETATM 111 O  O2    . 2BT A 1 6  ? -3.004  4.509   3.740   1.00 59.91  ? 6   2BT A O2    1 
HETATM 112 N  N3    . 2BT A 1 6  ? -1.589  3.875   2.106   1.00 59.63  ? 6   2BT A N3    1 
HETATM 113 C  C4    . 2BT A 1 6  ? -0.874  4.077   0.958   1.00 60.01  ? 6   2BT A C4    1 
HETATM 114 O  O4    . 2BT A 1 6  ? -0.145  3.208   0.510   1.00 61.31  ? 6   2BT A O4    1 
HETATM 115 C  C5    . 2BT A 1 6  ? -1.124  5.299   0.293   1.00 60.33  ? 6   2BT A C5    1 
HETATM 116 C  C5M   . 2BT A 1 6  ? -0.774  5.348   -1.142  1.00 63.44  ? 6   2BT A C5M   1 
HETATM 117 C  C6    . 2BT A 1 6  ? -1.970  6.174   0.831   1.00 60.50  ? 6   2BT A C6    1 
HETATM 118 C  "C2'" . 2BT A 1 6  ? -3.017  7.814   3.676   1.00 61.51  ? 6   2BT A "C2'" 1 
HETATM 119 O  "O2'" . 2BT A 1 6  ? -4.047  8.317   4.538   1.00 60.33  ? 6   2BT A "O2'" 1 
HETATM 120 C  "CA'" . 2BT A 1 6  ? -4.624  7.382   5.431   1.00 55.10  ? 6   2BT A "CA'" 1 
HETATM 121 C  "CB'" . 2BT A 1 6  ? -5.407  8.156   6.458   1.00 52.80  ? 6   2BT A "CB'" 1 
HETATM 122 C  "CC'" . 2BT A 1 6  ? -5.511  7.363   7.761   1.00 50.90  ? 6   2BT A "CC'" 1 
HETATM 123 C  "C3'" . 2BT A 1 6  ? -2.368  8.864   2.780   1.00 62.74  ? 6   2BT A "C3'" 1 
HETATM 124 O  "O3'" . 2BT A 1 6  ? -1.984  10.053  3.457   1.00 64.37  ? 6   2BT A "O3'" 1 
HETATM 125 O  OP1   . 2BT A 1 6  ? -1.885  11.074  -1.937  1.00 70.10  ? 6   2BT A OP1   1 
ATOM   126 P  P     . DA  A 1 7  ? -0.589  10.405  4.100   1.00 63.12  ? 7   DA  A P     1 
ATOM   127 O  OP1   . DA  A 1 7  ? -0.712  11.776  4.571   1.00 66.11  ? 7   DA  A OP1   1 
ATOM   128 O  OP2   . DA  A 1 7  ? 0.453   10.065  3.137   1.00 66.14  ? 7   DA  A OP2   1 
ATOM   129 O  "O5'" . DA  A 1 7  ? -0.320  9.463   5.348   1.00 64.28  ? 7   DA  A "O5'" 1 
ATOM   130 C  "C5'" . DA  A 1 7  ? -1.114  9.476   6.526   1.00 62.56  ? 7   DA  A "C5'" 1 
ATOM   131 C  "C4'" . DA  A 1 7  ? -0.745  8.289   7.398   1.00 60.29  ? 7   DA  A "C4'" 1 
ATOM   132 O  "O4'" . DA  A 1 7  ? -0.989  7.079   6.677   1.00 60.31  ? 7   DA  A "O4'" 1 
ATOM   133 C  "C3'" . DA  A 1 7  ? 0.719   8.189   7.712   1.00 62.02  ? 7   DA  A "C3'" 1 
ATOM   134 O  "O3'" . DA  A 1 7  ? 1.041   9.006   8.798   1.00 61.37  ? 7   DA  A "O3'" 1 
ATOM   135 C  "C2'" . DA  A 1 7  ? 0.902   6.707   7.989   1.00 61.51  ? 7   DA  A "C2'" 1 
ATOM   136 C  "C1'" . DA  A 1 7  ? -0.088  6.068   7.024   1.00 58.96  ? 7   DA  A "C1'" 1 
ATOM   137 N  N9    . DA  A 1 7  ? 0.482   5.571   5.791   1.00 59.07  ? 7   DA  A N9    1 
ATOM   138 C  C8    . DA  A 1 7  ? 0.614   6.253   4.626   1.00 57.58  ? 7   DA  A C8    1 
ATOM   139 N  N7    . DA  A 1 7  ? 1.151   5.564   3.671   1.00 55.63  ? 7   DA  A N7    1 
ATOM   140 C  C5    . DA  A 1 7  ? 1.391   4.353   4.237   1.00 55.55  ? 7   DA  A C5    1 
ATOM   141 C  C6    . DA  A 1 7  ? 1.959   3.201   3.712   1.00 58.51  ? 7   DA  A C6    1 
ATOM   142 N  N6    . DA  A 1 7  ? 2.367   3.126   2.446   1.00 59.20  ? 7   DA  A N6    1 
ATOM   143 N  N1    . DA  A 1 7  ? 2.062   2.135   4.513   1.00 58.61  ? 7   DA  A N1    1 
ATOM   144 C  C2    . DA  A 1 7  ? 1.630   2.240   5.768   1.00 58.73  ? 7   DA  A C2    1 
ATOM   145 N  N3    . DA  A 1 7  ? 1.072   3.289   6.375   1.00 58.37  ? 7   DA  A N3    1 
ATOM   146 C  C4    . DA  A 1 7  ? 0.985   4.320   5.538   1.00 57.63  ? 7   DA  A C4    1 
ATOM   147 P  P     . DC  A 1 8  ? 2.528   9.548   8.780   1.00 62.95  ? 8   DC  A P     1 
ATOM   148 O  OP1   . DC  A 1 8  ? 2.545   10.459  9.925   1.00 64.49  ? 8   DC  A OP1   1 
ATOM   149 O  OP2   . DC  A 1 8  ? 2.845   10.033  7.424   1.00 64.90  ? 8   DC  A OP2   1 
ATOM   150 O  "O5'" . DC  A 1 8  ? 3.443   8.276   9.068   1.00 61.52  ? 8   DC  A "O5'" 1 
ATOM   151 C  "C5'" . DC  A 1 8  ? 3.388   7.650   10.327  1.00 60.78  ? 8   DC  A "C5'" 1 
ATOM   152 C  "C4'" . DC  A 1 8  ? 4.001   6.272   10.290  1.00 60.99  ? 8   DC  A "C4'" 1 
ATOM   153 O  "O4'" . DC  A 1 8  ? 3.439   5.511   9.217   1.00 60.96  ? 8   DC  A "O4'" 1 
ATOM   154 C  "C3'" . DC  A 1 8  ? 5.474   6.220   9.981   1.00 61.51  ? 8   DC  A "C3'" 1 
ATOM   155 O  "O3'" . DC  A 1 8  ? 6.225   6.458   11.130  1.00 61.59  ? 8   DC  A "O3'" 1 
ATOM   156 C  "C2'" . DC  A 1 8  ? 5.650   4.794   9.503   1.00 61.68  ? 8   DC  A "C2'" 1 
ATOM   157 C  "C1'" . DC  A 1 8  ? 4.370   4.553   8.752   1.00 59.16  ? 8   DC  A "C1'" 1 
ATOM   158 N  N1    . DC  A 1 8  ? 4.535   4.654   7.275   1.00 58.74  ? 8   DC  A N1    1 
ATOM   159 C  C2    . DC  A 1 8  ? 4.912   3.510   6.596   1.00 55.96  ? 8   DC  A C2    1 
ATOM   160 O  O2    . DC  A 1 8  ? 5.100   2.484   7.240   1.00 57.64  ? 8   DC  A O2    1 
ATOM   161 N  N3    . DC  A 1 8  ? 5.087   3.568   5.271   1.00 55.56  ? 8   DC  A N3    1 
ATOM   162 C  C4    . DC  A 1 8  ? 4.883   4.695   4.615   1.00 57.16  ? 8   DC  A C4    1 
ATOM   163 N  N4    . DC  A 1 8  ? 5.051   4.670   3.302   1.00 58.57  ? 8   DC  A N4    1 
ATOM   164 C  C5    . DC  A 1 8  ? 4.490   5.883   5.277   1.00 56.49  ? 8   DC  A C5    1 
ATOM   165 C  C6    . DC  A 1 8  ? 4.335   5.822   6.602   1.00 57.39  ? 8   DC  A C6    1 
ATOM   166 P  P     . DG  A 1 9  ? 7.738   6.808   10.874  1.00 61.75  ? 9   DG  A P     1 
ATOM   167 O  OP1   . DG  A 1 9  ? 8.308   7.032   12.200  1.00 61.83  ? 9   DG  A OP1   1 
ATOM   168 O  OP2   . DG  A 1 9  ? 7.827   7.836   9.819   1.00 60.08  ? 9   DG  A OP2   1 
ATOM   169 O  "O5'" . DG  A 1 9  ? 8.332   5.475   10.270  1.00 60.98  ? 9   DG  A "O5'" 1 
ATOM   170 C  "C5'" . DG  A 1 9  ? 8.585   4.369   11.082  1.00 60.37  ? 9   DG  A "C5'" 1 
ATOM   171 C  "C4'" . DG  A 1 9  ? 9.320   3.318   10.281  1.00 58.89  ? 9   DG  A "C4'" 1 
ATOM   172 O  "O4'" . DG  A 1 9  ? 8.577   3.063   9.075   1.00 57.95  ? 9   DG  A "O4'" 1 
ATOM   173 C  "C3'" . DG  A 1 9  ? 10.686  3.743   9.778   1.00 58.58  ? 9   DG  A "C3'" 1 
ATOM   174 O  "O3'" . DG  A 1 9  ? 11.719  3.490   10.711  1.00 58.39  ? 9   DG  A "O3'" 1 
ATOM   175 C  "C2'" . DG  A 1 9  ? 10.881  2.886   8.546   1.00 57.84  ? 9   DG  A "C2'" 1 
ATOM   176 C  "C1'" . DG  A 1 9  ? 9.488   2.612   8.087   1.00 54.84  ? 9   DG  A "C1'" 1 
ATOM   177 N  N9    . DG  A 1 9  ? 9.167   3.282   6.854   1.00 54.46  ? 9   DG  A N9    1 
ATOM   178 C  C8    . DG  A 1 9  ? 8.611   4.516   6.698   1.00 52.25  ? 9   DG  A C8    1 
ATOM   179 N  N7    . DG  A 1 9  ? 8.427   4.832   5.469   1.00 50.34  ? 9   DG  A N7    1 
ATOM   180 C  C5    . DG  A 1 9  ? 8.878   3.741   4.783   1.00 51.27  ? 9   DG  A C5    1 
ATOM   181 C  C6    . DG  A 1 9  ? 8.917   3.538   3.419   1.00 51.94  ? 9   DG  A C6    1 
ATOM   182 O  O6    . DG  A 1 9  ? 8.497   4.321   2.558   1.00 52.92  ? 9   DG  A O6    1 
ATOM   183 N  N1    . DG  A 1 9  ? 9.470   2.299   3.121   1.00 52.63  ? 9   DG  A N1    1 
ATOM   184 C  C2    . DG  A 1 9  ? 9.927   1.377   4.046   1.00 52.28  ? 9   DG  A C2    1 
ATOM   185 N  N2    . DG  A 1 9  ? 10.438  0.225   3.587   1.00 51.75  ? 9   DG  A N2    1 
ATOM   186 N  N3    . DG  A 1 9  ? 9.886   1.565   5.337   1.00 52.32  ? 9   DG  A N3    1 
ATOM   187 C  C4    . DG  A 1 9  ? 9.348   2.769   5.615   1.00 53.09  ? 9   DG  A C4    1 
ATOM   188 P  P     . DC  A 1 10 ? 13.063  4.274   10.457  1.00 62.76  ? 10  DC  A P     1 
ATOM   189 O  OP1   . DC  A 1 10 ? 13.883  4.055   11.662  1.00 62.34  ? 10  DC  A OP1   1 
ATOM   190 O  OP2   . DC  A 1 10 ? 12.801  5.639   9.962   1.00 61.08  ? 10  DC  A OP2   1 
ATOM   191 O  "O5'" . DC  A 1 10 ? 13.749  3.449   9.287   1.00 61.36  ? 10  DC  A "O5'" 1 
ATOM   192 C  "C5'" . DC  A 1 10 ? 13.905  2.044   9.446   1.00 60.08  ? 10  DC  A "C5'" 1 
ATOM   193 C  "C4'" . DC  A 1 10 ? 14.288  1.446   8.119   1.00 58.71  ? 10  DC  A "C4'" 1 
ATOM   194 O  "O4'" . DC  A 1 10 ? 13.325  1.879   7.117   1.00 57.38  ? 10  DC  A "O4'" 1 
ATOM   195 C  "C3'" . DC  A 1 10 ? 15.656  1.924   7.671   1.00 56.65  ? 10  DC  A "C3'" 1 
ATOM   196 O  "O3'" . DC  A 1 10 ? 16.490  0.832   7.336   1.00 59.55  ? 10  DC  A "O3'" 1 
ATOM   197 C  "C2'" . DC  A 1 10 ? 15.348  2.807   6.483   1.00 55.76  ? 10  DC  A "C2'" 1 
ATOM   198 C  "C1'" . DC  A 1 10 ? 14.041  2.220   5.966   1.00 54.85  ? 10  DC  A "C1'" 1 
ATOM   199 N  N1    . DC  A 1 10 ? 13.309  3.199   5.133   1.00 53.22  ? 10  DC  A N1    1 
ATOM   200 C  C2    . DC  A 1 10 ? 13.153  2.990   3.765   1.00 51.21  ? 10  DC  A C2    1 
ATOM   201 O  O2    . DC  A 1 10 ? 13.576  1.974   3.250   1.00 53.82  ? 10  DC  A O2    1 
ATOM   202 N  N3    . DC  A 1 10 ? 12.534  3.907   3.023   1.00 51.50  ? 10  DC  A N3    1 
ATOM   203 C  C4    . DC  A 1 10 ? 12.055  5.003   3.583   1.00 52.08  ? 10  DC  A C4    1 
ATOM   204 N  N4    . DC  A 1 10 ? 11.450  5.869   2.796   1.00 53.00  ? 10  DC  A N4    1 
ATOM   205 C  C5    . DC  A 1 10 ? 12.190  5.256   4.968   1.00 52.98  ? 10  DC  A C5    1 
ATOM   206 C  C6    . DC  A 1 10 ? 12.829  4.336   5.704   1.00 53.29  ? 10  DC  A C6    1 
ATOM   207 O  "O5'" . DG  B 1 1  ? 10.864  3.361   -7.516  1.00 62.80  ? 11  DG  B "O5'" 1 
ATOM   208 C  "C5'" . DG  B 1 1  ? 12.270  3.261   -7.788  1.00 59.32  ? 11  DG  B "C5'" 1 
ATOM   209 C  "C4'" . DG  B 1 1  ? 12.969  2.281   -6.861  1.00 57.47  ? 11  DG  B "C4'" 1 
ATOM   210 O  "O4'" . DG  B 1 1  ? 13.878  3.031   -6.010  1.00 56.18  ? 11  DG  B "O4'" 1 
ATOM   211 C  "C3'" . DG  B 1 1  ? 12.083  1.501   -5.892  1.00 56.66  ? 11  DG  B "C3'" 1 
ATOM   212 O  "O3'" . DG  B 1 1  ? 11.513  0.322   -6.459  1.00 56.86  ? 11  DG  B "O3'" 1 
ATOM   213 C  "C2'" . DG  B 1 1  ? 13.105  1.187   -4.824  1.00 56.46  ? 11  DG  B "C2'" 1 
ATOM   214 C  "C1'" . DG  B 1 1  ? 13.826  2.513   -4.695  1.00 56.83  ? 11  DG  B "C1'" 1 
ATOM   215 N  N9    . DG  B 1 1  ? 13.121  3.424   -3.786  1.00 56.76  ? 11  DG  B N9    1 
ATOM   216 C  C8    . DG  B 1 1  ? 12.402  4.540   -4.118  1.00 56.66  ? 11  DG  B C8    1 
ATOM   217 N  N7    . DG  B 1 1  ? 11.872  5.140   -3.089  1.00 57.58  ? 11  DG  B N7    1 
ATOM   218 C  C5    . DG  B 1 1  ? 12.266  4.380   -2.009  1.00 57.54  ? 11  DG  B C5    1 
ATOM   219 C  C6    . DG  B 1 1  ? 11.993  4.548   -0.638  1.00 57.43  ? 11  DG  B C6    1 
ATOM   220 O  O6    . DG  B 1 1  ? 11.322  5.435   -0.096  1.00 57.96  ? 11  DG  B O6    1 
ATOM   221 N  N1    . DG  B 1 1  ? 12.554  3.545   0.140   1.00 56.79  ? 11  DG  B N1    1 
ATOM   222 C  C2    . DG  B 1 1  ? 13.315  2.528   -0.359  1.00 56.48  ? 11  DG  B C2    1 
ATOM   223 N  N2    . DG  B 1 1  ? 13.774  1.679   0.549   1.00 56.54  ? 11  DG  B N2    1 
ATOM   224 N  N3    . DG  B 1 1  ? 13.600  2.354   -1.643  1.00 56.47  ? 11  DG  B N3    1 
ATOM   225 C  C4    . DG  B 1 1  ? 13.038  3.315   -2.416  1.00 56.97  ? 11  DG  B C4    1 
ATOM   226 P  P     . DC  B 1 2  ? 10.059  -0.223  -6.112  1.00 57.86  ? 12  DC  B P     1 
ATOM   227 O  OP1   . DC  B 1 2  ? 9.651   -1.142  -7.162  1.00 60.28  ? 12  DC  B OP1   1 
ATOM   228 O  OP2   . DC  B 1 2  ? 9.221   0.926   -5.829  1.00 59.53  ? 12  DC  B OP2   1 
ATOM   229 O  "O5'" . DC  B 1 2  ? 10.136  -1.039  -4.759  1.00 58.47  ? 12  DC  B "O5'" 1 
ATOM   230 C  "C5'" . DC  B 1 2  ? 10.794  -2.254  -4.709  1.00 57.45  ? 12  DC  B "C5'" 1 
ATOM   231 C  "C4'" . DC  B 1 2  ? 11.239  -2.574  -3.301  1.00 56.76  ? 12  DC  B "C4'" 1 
ATOM   232 O  "O4'" . DC  B 1 2  ? 11.944  -1.460  -2.750  1.00 56.52  ? 12  DC  B "O4'" 1 
ATOM   233 C  "C3'" . DC  B 1 2  ? 10.137  -2.804  -2.295  1.00 58.75  ? 12  DC  B "C3'" 1 
ATOM   234 O  "O3'" . DC  B 1 2  ? 9.644   -4.091  -2.417  1.00 58.51  ? 12  DC  B "O3'" 1 
ATOM   235 C  "C2'" . DC  B 1 2  ? 10.919  -2.606  -1.009  1.00 59.11  ? 12  DC  B "C2'" 1 
ATOM   236 C  "C1'" . DC  B 1 2  ? 11.632  -1.325  -1.373  1.00 58.13  ? 12  DC  B "C1'" 1 
ATOM   237 N  N1    . DC  B 1 2  ? 10.811  -0.060  -1.120  1.00 58.37  ? 12  DC  B N1    1 
ATOM   238 C  C2    . DC  B 1 2  ? 10.629  0.380   0.186   1.00 59.38  ? 12  DC  B C2    1 
ATOM   239 O  O2    . DC  B 1 2  ? 11.106  -0.278  1.109   1.00 60.11  ? 12  DC  B O2    1 
ATOM   240 N  N3    . DC  B 1 2  ? 9.930   1.512   0.410   1.00 59.31  ? 12  DC  B N3    1 
ATOM   241 C  C4    . DC  B 1 2  ? 9.420   2.212   -0.598  1.00 58.61  ? 12  DC  B C4    1 
ATOM   242 N  N4    . DC  B 1 2  ? 8.726   3.318   -0.329  1.00 57.83  ? 12  DC  B N4    1 
ATOM   243 C  C5    . DC  B 1 2  ? 9.608   1.797   -1.935  1.00 58.71  ? 12  DC  B C5    1 
ATOM   244 C  C6    . DC  B 1 2  ? 10.295  0.670   -2.149  1.00 58.44  ? 12  DC  B C6    1 
ATOM   245 P  P     . DG  B 1 3  ? 8.125   -4.391  -2.204  1.00 58.43  ? 13  DG  B P     1 
ATOM   246 O  OP1   . DG  B 1 3  ? 7.947   -5.797  -2.615  1.00 59.50  ? 13  DG  B OP1   1 
ATOM   247 O  OP2   . DG  B 1 3  ? 7.355   -3.331  -2.859  1.00 58.55  ? 13  DG  B OP2   1 
ATOM   248 O  "O5'" . DG  B 1 3  ? 8.009   -4.295  -0.640  1.00 57.88  ? 13  DG  B "O5'" 1 
ATOM   249 C  "C5'" . DG  B 1 3  ? 8.846   -5.163  0.086   1.00 58.61  ? 13  DG  B "C5'" 1 
ATOM   250 C  "C4'" . DG  B 1 3  ? 8.782   -4.820  1.542   1.00 58.29  ? 13  DG  B "C4'" 1 
ATOM   251 O  "O4'" . DG  B 1 3  ? 9.251   -3.486  1.701   1.00 58.07  ? 13  DG  B "O4'" 1 
ATOM   252 C  "C3'" . DG  B 1 3  ? 7.380   -4.800  2.083   1.00 59.05  ? 13  DG  B "C3'" 1 
ATOM   253 O  "O3'" . DG  B 1 3  ? 7.022   -6.080  2.471   1.00 60.19  ? 13  DG  B "O3'" 1 
ATOM   254 C  "C2'" . DG  B 1 3  ? 7.503   -3.840  3.237   1.00 59.04  ? 13  DG  B "C2'" 1 
ATOM   255 C  "C1'" . DG  B 1 3  ? 8.509   -2.844  2.694   1.00 57.17  ? 13  DG  B "C1'" 1 
ATOM   256 N  N9    . DG  B 1 3  ? 7.897   -1.680  2.111   1.00 55.90  ? 13  DG  B N9    1 
ATOM   257 C  C8    . DG  B 1 3  ? 7.763   -1.349  0.790   1.00 56.52  ? 13  DG  B C8    1 
ATOM   258 N  N7    . DG  B 1 3  ? 7.177   -0.208  0.602   1.00 56.41  ? 13  DG  B N7    1 
ATOM   259 C  C5    . DG  B 1 3  ? 6.902   0.216   1.895   1.00 56.04  ? 13  DG  B C5    1 
ATOM   260 C  C6    . DG  B 1 3  ? 6.276   1.379   2.351   1.00 56.39  ? 13  DG  B C6    1 
ATOM   261 O  O6    . DG  B 1 3  ? 5.807   2.288   1.669   1.00 57.46  ? 13  DG  B O6    1 
ATOM   262 N  N1    . DG  B 1 3  ? 6.194   1.437   3.735   1.00 55.57  ? 13  DG  B N1    1 
ATOM   263 C  C2    . DG  B 1 3  ? 6.680   0.470   4.572   1.00 56.26  ? 13  DG  B C2    1 
ATOM   264 N  N2    . DG  B 1 3  ? 6.526   0.671   5.876   1.00 55.54  ? 13  DG  B N2    1 
ATOM   265 N  N3    . DG  B 1 3  ? 7.293   -0.628  4.160   1.00 57.10  ? 13  DG  B N3    1 
ATOM   266 C  C4    . DG  B 1 3  ? 7.363   -0.674  2.819   1.00 55.86  ? 13  DG  B C4    1 
ATOM   267 P  P     . DT  B 1 4  ? 5.505   -6.519  2.363   1.00 61.69  ? 14  DT  B P     1 
ATOM   268 O  OP1   . DT  B 1 4  ? 5.351   -7.961  2.523   1.00 62.28  ? 14  DT  B OP1   1 
ATOM   269 O  OP2   . DT  B 1 4  ? 4.886   -5.844  1.201   1.00 65.43  ? 14  DT  B OP2   1 
ATOM   270 O  "O5'" . DT  B 1 4  ? 4.977   -5.844  3.685   1.00 61.51  ? 14  DT  B "O5'" 1 
ATOM   271 C  "C5'" . DT  B 1 4  ? 5.541   -6.228  4.903   1.00 61.61  ? 14  DT  B "C5'" 1 
ATOM   272 C  "C4'" . DT  B 1 4  ? 4.939   -5.434  6.021   1.00 60.45  ? 14  DT  B "C4'" 1 
ATOM   273 O  "O4'" . DT  B 1 4  ? 5.400   -4.076  5.911   1.00 60.85  ? 14  DT  B "O4'" 1 
ATOM   274 C  "C3'" . DT  B 1 4  ? 3.434   -5.346  5.966   1.00 61.21  ? 14  DT  B "C3'" 1 
ATOM   275 O  "O3'" . DT  B 1 4  ? 2.814   -6.489  6.574   1.00 63.16  ? 14  DT  B "O3'" 1 
ATOM   276 C  "C2'" . DT  B 1 4  ? 3.198   -4.058  6.716   1.00 59.41  ? 14  DT  B "C2'" 1 
ATOM   277 C  "C1'" . DT  B 1 4  ? 4.337   -3.193  6.225   1.00 58.82  ? 14  DT  B "C1'" 1 
ATOM   278 N  N1    . DT  B 1 4  ? 4.007   -2.339  5.047   1.00 58.22  ? 14  DT  B N1    1 
ATOM   279 C  C2    . DT  B 1 4  ? 3.500   -1.084  5.287   1.00 57.79  ? 14  DT  B C2    1 
ATOM   280 O  O2    . DT  B 1 4  ? 3.331   -0.641  6.391   1.00 58.90  ? 14  DT  B O2    1 
ATOM   281 N  N3    . DT  B 1 4  ? 3.253   -0.323  4.192   1.00 57.64  ? 14  DT  B N3    1 
ATOM   282 C  C4    . DT  B 1 4  ? 3.397   -0.702  2.884   1.00 57.63  ? 14  DT  B C4    1 
ATOM   283 O  O4    . DT  B 1 4  ? 3.134   0.062   1.978   1.00 58.16  ? 14  DT  B O4    1 
ATOM   284 C  C5    . DT  B 1 4  ? 3.913   -2.028  2.668   1.00 57.74  ? 14  DT  B C5    1 
ATOM   285 C  C7    . DT  B 1 4  ? 4.031   -2.551  1.272   1.00 57.88  ? 14  DT  B C7    1 
ATOM   286 C  C6    . DT  B 1 4  ? 4.195   -2.783  3.744   1.00 57.08  ? 14  DT  B C6    1 
ATOM   287 P  P     . DA  B 1 5  ? 1.368   -6.913  6.048   1.00 66.25  ? 15  DA  B P     1 
ATOM   288 O  OP1   . DA  B 1 5  ? 0.867   -8.136  6.672   1.00 65.88  ? 15  DA  B OP1   1 
ATOM   289 O  OP2   . DA  B 1 5  ? 1.435   -6.846  4.570   1.00 67.47  ? 15  DA  B OP2   1 
ATOM   290 O  "O5'" . DA  B 1 5  ? 0.476   -5.681  6.509   1.00 64.78  ? 15  DA  B "O5'" 1 
ATOM   291 C  "C5'" . DA  B 1 5  ? 0.371   -5.306  7.861   1.00 65.49  ? 15  DA  B "C5'" 1 
ATOM   292 C  "C4'" . DA  B 1 5  ? -0.464  -4.052  7.972   1.00 64.58  ? 15  DA  B "C4'" 1 
ATOM   293 O  "O4'" . DA  B 1 5  ? 0.254   -2.917  7.455   1.00 64.73  ? 15  DA  B "O4'" 1 
ATOM   294 C  "C3'" . DA  B 1 5  ? -1.728  -4.031  7.145   1.00 64.90  ? 15  DA  B "C3'" 1 
ATOM   295 O  "O3'" . DA  B 1 5  ? -2.737  -4.881  7.683   1.00 65.57  ? 15  DA  B "O3'" 1 
ATOM   296 C  "C2'" . DA  B 1 5  ? -2.040  -2.554  7.254   1.00 64.54  ? 15  DA  B "C2'" 1 
ATOM   297 C  "C1'" . DA  B 1 5  ? -0.675  -1.954  7.006   1.00 62.82  ? 15  DA  B "C1'" 1 
ATOM   298 N  N9    . DA  B 1 5  ? -0.409  -1.642  5.607   1.00 62.28  ? 15  DA  B N9    1 
ATOM   299 C  C8    . DA  B 1 5  ? 0.147   -2.432  4.633   1.00 62.00  ? 15  DA  B C8    1 
ATOM   300 N  N7    . DA  B 1 5  ? 0.255   -1.825  3.460   1.00 62.52  ? 15  DA  B N7    1 
ATOM   301 C  C5    . DA  B 1 5  ? -0.243  -0.551  3.697   1.00 60.70  ? 15  DA  B C5    1 
ATOM   302 C  C6    . DA  B 1 5  ? -0.432  0.581   2.876   1.00 62.86  ? 15  DA  B C6    1 
ATOM   303 N  N6    . DA  B 1 5  ? -0.091  0.662   1.589   1.00 62.51  ? 15  DA  B N6    1 
ATOM   304 N  N1    . DA  B 1 5  ? -0.971  1.673   3.444   1.00 62.63  ? 15  DA  B N1    1 
ATOM   305 C  C2    . DA  B 1 5  ? -1.315  1.630   4.734   1.00 62.37  ? 15  DA  B C2    1 
ATOM   306 N  N3    . DA  B 1 5  ? -1.193  0.635   5.599   1.00 60.90  ? 15  DA  B N3    1 
ATOM   307 C  C4    . DA  B 1 5  ? -0.661  -0.435  5.007   1.00 60.83  ? 15  DA  B C4    1 
HETATM 308 P  P     . 2BT B 1 6  ? -4.014  -5.328  6.834   1.00 68.23  ? 16  2BT B P     1 
HETATM 309 O  OP2   . 2BT B 1 6  ? -3.569  -5.790  5.516   1.00 68.16  ? 16  2BT B OP2   1 
HETATM 310 O  "O5'" . 2BT B 1 6  ? -4.877  -4.005  6.584   1.00 66.59  ? 16  2BT B "O5'" 1 
HETATM 311 C  "C5'" . 2BT B 1 6  ? -5.380  -3.278  7.666   1.00 65.55  ? 16  2BT B "C5'" 1 
HETATM 312 C  "C4'" . 2BT B 1 6  ? -5.991  -1.958  7.234   1.00 63.87  ? 16  2BT B "C4'" 1 
HETATM 313 O  "O4'" . 2BT B 1 6  ? -4.970  -1.070  6.771   1.00 65.35  ? 16  2BT B "O4'" 1 
HETATM 314 C  "C1'" . 2BT B 1 6  ? -5.513  -0.202  5.804   1.00 62.47  ? 16  2BT B "C1'" 1 
HETATM 315 N  N1    . 2BT B 1 6  ? -4.792  -0.429  4.501   1.00 60.02  ? 16  2BT B N1    1 
HETATM 316 C  C2    . 2BT B 1 6  ? -4.797  0.558   3.556   1.00 59.96  ? 16  2BT B C2    1 
HETATM 317 O  O2    . 2BT B 1 6  ? -5.390  1.613   3.719   1.00 58.96  ? 16  2BT B O2    1 
HETATM 318 N  N3    . 2BT B 1 6  ? -4.088  0.267   2.415   1.00 59.08  ? 16  2BT B N3    1 
HETATM 319 C  C4    . 2BT B 1 6  ? -3.418  -0.904  2.142   1.00 59.73  ? 16  2BT B C4    1 
HETATM 320 O  O4    . 2BT B 1 6  ? -2.808  -1.077  1.104   1.00 59.48  ? 16  2BT B O4    1 
HETATM 321 C  C5    . 2BT B 1 6  ? -3.460  -1.862  3.174   1.00 60.84  ? 16  2BT B C5    1 
HETATM 322 C  C5M   . 2BT B 1 6  ? -2.801  -3.169  2.949   1.00 65.52  ? 16  2BT B C5M   1 
HETATM 323 C  C6    . 2BT B 1 6  ? -4.129  -1.595  4.286   1.00 61.37  ? 16  2BT B C6    1 
HETATM 324 C  "C2'" . 2BT B 1 6  ? -7.001  -0.489  5.767   1.00 63.57  ? 16  2BT B "C2'" 1 
HETATM 325 O  "O2'" . 2BT B 1 6  ? -7.727  0.279   6.710   1.00 63.41  ? 16  2BT B "O2'" 1 
HETATM 326 C  "CA'" . 2BT B 1 6  ? -7.698  1.655   6.402   1.00 60.71  ? 16  2BT B "CA'" 1 
HETATM 327 C  "CB'" . 2BT B 1 6  ? -8.499  2.395   7.459   1.00 58.90  ? 16  2BT B "CB'" 1 
HETATM 328 C  "CC'" . 2BT B 1 6  ? -8.645  3.848   7.023   1.00 62.32  ? 16  2BT B "CC'" 1 
HETATM 329 C  "C3'" . 2BT B 1 6  ? -6.955  -1.981  6.068   1.00 64.57  ? 16  2BT B "C3'" 1 
HETATM 330 O  "O3'" . 2BT B 1 6  ? -8.212  -2.562  6.440   1.00 63.55  ? 16  2BT B "O3'" 1 
HETATM 331 O  OP1   . 2BT B 1 6  ? -4.769  -6.238  7.713   1.00 69.46  ? 16  2BT B OP1   1 
ATOM   332 P  P     . DA  B 1 7  ? -9.336  -3.002  5.427   1.00 63.36  ? 17  DA  B P     1 
ATOM   333 O  OP1   . DA  B 1 7  ? -10.429 -3.501  6.276   1.00 64.56  ? 17  DA  B OP1   1 
ATOM   334 O  OP2   . DA  B 1 7  ? -8.824  -3.806  4.329   1.00 66.75  ? 17  DA  B OP2   1 
ATOM   335 O  "O5'" . DA  B 1 7  ? -9.712  -1.627  4.738   1.00 63.00  ? 17  DA  B "O5'" 1 
ATOM   336 C  "C5'" . DA  B 1 7  ? -10.944 -1.032  4.848   1.00 60.31  ? 17  DA  B "C5'" 1 
ATOM   337 C  "C4'" . DA  B 1 7  ? -11.077 0.104   3.856   1.00 58.42  ? 17  DA  B "C4'" 1 
ATOM   338 O  "O4'" . DA  B 1 7  ? -9.819  0.747   3.605   1.00 56.97  ? 17  DA  B "O4'" 1 
ATOM   339 C  "C3'" . DA  B 1 7  ? -11.519 -0.336  2.492   1.00 58.32  ? 17  DA  B "C3'" 1 
ATOM   340 O  "O3'" . DA  B 1 7  ? -12.877 -0.471  2.503   1.00 59.56  ? 17  DA  B "O3'" 1 
ATOM   341 C  "C2'" . DA  B 1 7  ? -11.047 0.794   1.598   1.00 58.19  ? 17  DA  B "C2'" 1 
ATOM   342 C  "C1'" . DA  B 1 7  ? -9.714  1.104   2.235   1.00 57.44  ? 17  DA  B "C1'" 1 
ATOM   343 N  N9    . DA  B 1 7  ? -8.588  0.400   1.660   1.00 56.29  ? 17  DA  B N9    1 
ATOM   344 C  C8    . DA  B 1 7  ? -7.930  -0.690  2.174   1.00 57.04  ? 17  DA  B C8    1 
ATOM   345 N  N7    . DA  B 1 7  ? -6.927  -1.110  1.430   1.00 55.99  ? 17  DA  B N7    1 
ATOM   346 C  C5    . DA  B 1 7  ? -6.937  -0.215  0.370   1.00 54.44  ? 17  DA  B C5    1 
ATOM   347 C  C6    . DA  B 1 7  ? -6.146  -0.116  -0.778  1.00 56.01  ? 17  DA  B C6    1 
ATOM   348 N  N6    . DA  B 1 7  ? -5.111  -0.916  -1.014  1.00 58.92  ? 17  DA  B N6    1 
ATOM   349 N  N1    . DA  B 1 7  ? -6.404  0.875   -1.648  1.00 57.94  ? 17  DA  B N1    1 
ATOM   350 C  C2    . DA  B 1 7  ? -7.434  1.706   -1.393  1.00 56.90  ? 17  DA  B C2    1 
ATOM   351 N  N3    . DA  B 1 7  ? -8.261  1.714   -0.363  1.00 55.93  ? 17  DA  B N3    1 
ATOM   352 C  C4    . DA  B 1 7  ? -7.950  0.720   0.499   1.00 55.53  ? 17  DA  B C4    1 
ATOM   353 P  P     . DC  B 1 8  ? -13.540 -1.707  1.777   1.00 59.38  ? 18  DC  B P     1 
ATOM   354 O  OP1   . DC  B 1 8  ? -14.895 -1.611  2.264   1.00 58.34  ? 18  DC  B OP1   1 
ATOM   355 O  OP2   . DC  B 1 8  ? -12.721 -2.903  1.964   1.00 59.27  ? 18  DC  B OP2   1 
ATOM   356 O  "O5'" . DC  B 1 8  ? -13.483 -1.374  0.244   1.00 57.82  ? 18  DC  B "O5'" 1 
ATOM   357 C  "C5'" . DC  B 1 8  ? -14.143 -0.284  -0.255  1.00 59.11  ? 18  DC  B "C5'" 1 
ATOM   358 C  "C4'" . DC  B 1 8  ? -13.490 0.204   -1.521  1.00 58.60  ? 18  DC  B "C4'" 1 
ATOM   359 O  "O4'" . DC  B 1 8  ? -12.101 0.423   -1.265  1.00 59.12  ? 18  DC  B "O4'" 1 
ATOM   360 C  "C3'" . DC  B 1 8  ? -13.401 -0.749  -2.666  1.00 59.21  ? 18  DC  B "C3'" 1 
ATOM   361 O  "O3'" . DC  B 1 8  ? -14.638 -0.958  -3.267  1.00 61.56  ? 18  DC  B "O3'" 1 
ATOM   362 C  "C2'" . DC  B 1 8  ? -12.447 0.054   -3.518  1.00 58.29  ? 18  DC  B "C2'" 1 
ATOM   363 C  "C1'" . DC  B 1 8  ? -11.407 0.377   -2.481  1.00 57.78  ? 18  DC  B "C1'" 1 
ATOM   364 N  N1    . DC  B 1 8  ? -10.327 -0.630  -2.332  1.00 58.51  ? 18  DC  B N1    1 
ATOM   365 C  C2    . DC  B 1 8  ? -9.266  -0.634  -3.220  1.00 56.56  ? 18  DC  B C2    1 
ATOM   366 O  O2    . DC  B 1 8  ? -9.266  0.159   -4.157  1.00 57.21  ? 18  DC  B O2    1 
ATOM   367 N  N3    . DC  B 1 8  ? -8.304  -1.553  -3.064  1.00 56.72  ? 18  DC  B N3    1 
ATOM   368 C  C4    . DC  B 1 8  ? -8.358  -2.420  -2.069  1.00 56.11  ? 18  DC  B C4    1 
ATOM   369 N  N4    . DC  B 1 8  ? -7.377  -3.298  -1.937  1.00 56.77  ? 18  DC  B N4    1 
ATOM   370 C  C5    . DC  B 1 8  ? -9.397  -2.402  -1.136  1.00 55.15  ? 18  DC  B C5    1 
ATOM   371 C  C6    . DC  B 1 8  ? -10.360 -1.513  -1.297  1.00 57.34  ? 18  DC  B C6    1 
ATOM   372 P  P     . DG  B 1 9  ? -15.105 -2.369  -3.789  1.00 60.94  ? 19  DG  B P     1 
ATOM   373 O  OP1   . DG  B 1 9  ? -16.527 -2.245  -4.085  1.00 60.22  ? 19  DG  B OP1   1 
ATOM   374 O  OP2   . DG  B 1 9  ? -14.630 -3.428  -2.897  1.00 63.96  ? 19  DG  B OP2   1 
ATOM   375 O  "O5'" . DG  B 1 9  ? -14.274 -2.509  -5.124  1.00 62.62  ? 19  DG  B "O5'" 1 
ATOM   376 C  "C5'" . DG  B 1 9  ? -14.365 -1.515  -6.141  1.00 61.70  ? 19  DG  B "C5'" 1 
ATOM   377 C  "C4'" . DG  B 1 9  ? -13.277 -1.675  -7.179  1.00 58.25  ? 19  DG  B "C4'" 1 
ATOM   378 O  "O4'" . DG  B 1 9  ? -12.016 -1.492  -6.524  1.00 58.84  ? 19  DG  B "O4'" 1 
ATOM   379 C  "C3'" . DG  B 1 9  ? -13.108 -3.055  -7.775  1.00 59.17  ? 19  DG  B "C3'" 1 
ATOM   380 O  "O3'" . DG  B 1 9  ? -14.091 -3.347  -8.730  1.00 59.61  ? 19  DG  B "O3'" 1 
ATOM   381 C  "C2'" . DG  B 1 9  ? -11.719 -2.898  -8.362  1.00 58.95  ? 19  DG  B "C2'" 1 
ATOM   382 C  "C1'" . DG  B 1 9  ? -10.994 -2.145  -7.257  1.00 55.99  ? 19  DG  B "C1'" 1 
ATOM   383 N  N9    . DG  B 1 9  ? -10.239 -3.017  -6.361  1.00 55.29  ? 19  DG  B N9    1 
ATOM   384 C  C8    . DG  B 1 9  ? -10.596 -3.370  -5.070  1.00 55.27  ? 19  DG  B C8    1 
ATOM   385 N  N7    . DG  B 1 9  ? -9.747  -4.152  -4.493  1.00 54.67  ? 19  DG  B N7    1 
ATOM   386 C  C5    . DG  B 1 9  ? -8.770  -4.354  -5.438  1.00 53.16  ? 19  DG  B C5    1 
ATOM   387 C  C6    . DG  B 1 9  ? -7.597  -5.120  -5.357  1.00 53.07  ? 19  DG  B C6    1 
ATOM   388 O  O6    . DG  B 1 9  ? -7.204  -5.780  -4.397  1.00 54.30  ? 19  DG  B O6    1 
ATOM   389 N  N1    . DG  B 1 9  ? -6.868  -5.086  -6.549  1.00 53.59  ? 19  DG  B N1    1 
ATOM   390 C  C2    . DG  B 1 9  ? -7.242  -4.341  -7.654  1.00 54.16  ? 19  DG  B C2    1 
ATOM   391 N  N2    . DG  B 1 9  ? -6.444  -4.390  -8.731  1.00 53.77  ? 19  DG  B N2    1 
ATOM   392 N  N3    . DG  B 1 9  ? -8.337  -3.604  -7.723  1.00 53.24  ? 19  DG  B N3    1 
ATOM   393 C  C4    . DG  B 1 9  ? -9.052  -3.655  -6.593  1.00 52.45  ? 19  DG  B C4    1 
ATOM   394 P  P     . DC  B 1 10 ? -14.190 -4.747  -9.425  1.00 59.36  ? 20  DC  B P     1 
ATOM   395 O  OP1   . DC  B 1 10 ? -15.307 -4.578  -10.349 1.00 59.24  ? 20  DC  B OP1   1 
ATOM   396 O  OP2   . DC  B 1 10 ? -14.212 -5.854  -8.450  1.00 61.01  ? 20  DC  B OP2   1 
ATOM   397 O  "O5'" . DC  B 1 10 ? -12.809 -4.777  -10.233 1.00 58.58  ? 20  DC  B "O5'" 1 
ATOM   398 C  "C5'" . DC  B 1 10 ? -12.770 -5.114  -11.594 1.00 57.50  ? 20  DC  B "C5'" 1 
ATOM   399 C  "C4'" . DC  B 1 10 ? -11.425 -5.695  -11.954 1.00 58.33  ? 20  DC  B "C4'" 1 
ATOM   400 O  "O4'" . DC  B 1 10 ? -10.453 -5.297  -10.951 1.00 56.98  ? 20  DC  B "O4'" 1 
ATOM   401 C  "C3'" . DC  B 1 10 ? -11.370 -7.207  -11.906 1.00 59.71  ? 20  DC  B "C3'" 1 
ATOM   402 O  "O3'" . DC  B 1 10 ? -12.050 -7.886  -13.048 1.00 63.47  ? 20  DC  B "O3'" 1 
ATOM   403 C  "C2'" . DC  B 1 10 ? -9.868  -7.399  -11.820 1.00 57.36  ? 20  DC  B "C2'" 1 
ATOM   404 C  "C1'" . DC  B 1 10 ? -9.498  -6.350  -10.783 1.00 56.57  ? 20  DC  B "C1'" 1 
ATOM   405 N  N1    . DC  B 1 10 ? -9.439  -6.847  -9.326  1.00 55.72  ? 20  DC  B N1    1 
ATOM   406 C  C2    . DC  B 1 10 ? -8.321  -7.572  -8.837  1.00 55.05  ? 20  DC  B C2    1 
ATOM   407 O  O2    . DC  B 1 10 ? -7.382  -7.821  -9.591  1.00 54.15  ? 20  DC  B O2    1 
ATOM   408 N  N3    . DC  B 1 10 ? -8.303  -7.995  -7.541  1.00 54.70  ? 20  DC  B N3    1 
ATOM   409 C  C4    . DC  B 1 10 ? -9.328  -7.705  -6.742  1.00 55.04  ? 20  DC  B C4    1 
ATOM   410 N  N4    . DC  B 1 10 ? -9.299  -8.097  -5.489  1.00 55.64  ? 20  DC  B N4    1 
ATOM   411 C  C5    . DC  B 1 10 ? -10.450 -6.966  -7.192  1.00 55.93  ? 20  DC  B C5    1 
ATOM   412 C  C6    . DC  B 1 10 ? -10.461 -6.550  -8.471  1.00 55.60  ? 20  DC  B C6    1 
HETATM 413 MG MG    . MG  C 2 .  ? -1.227  -3.602  -1.552  1.00 109.01 ? 101 MG  A MG    1 
HETATM 414 O  O     . HOH D 3 .  ? -3.270  -3.934  -2.035  1.00 71.76  ? 102 HOH A O     1 
HETATM 415 O  O     . HOH D 3 .  ? -1.105  -1.817  -2.495  1.00 73.37  ? 103 HOH A O     1 
HETATM 416 O  O     . HOH D 3 .  ? -1.377  -4.152  -3.779  1.00 57.38  ? 105 HOH A O     1 
HETATM 417 O  O     . HOH D 3 .  ? -3.707  -7.960  -1.740  1.00 78.35  ? 107 HOH A O     1 
HETATM 418 O  O     . HOH D 3 .  ? 7.906   7.095   4.641   1.00 57.91  ? 202 HOH A O     1 
HETATM 419 O  O     . HOH D 3 .  ? 17.036  -1.327  4.860   1.00 69.73  ? 204 HOH A O     1 
HETATM 420 O  O     . HOH D 3 .  ? 16.815  1.016   3.261   1.00 60.79  ? 205 HOH A O     1 
HETATM 421 O  O     . HOH D 3 .  ? 0.151   3.003   8.953   1.00 55.82  ? 206 HOH A O     1 
HETATM 422 O  O     . HOH D 3 .  ? 5.227   10.135  12.147  1.00 58.66  ? 207 HOH A O     1 
HETATM 423 O  O     . HOH D 3 .  ? 1.980   6.960   -0.415  1.00 82.01  ? 208 HOH A O     1 
HETATM 424 O  O     . HOH D 3 .  ? 0.401   -10.760 -10.632 1.00 76.12  ? 211 HOH A O     1 
HETATM 425 O  O     . HOH D 3 .  ? 8.719   12.670  4.517   1.00 80.56  ? 213 HOH A O     1 
HETATM 426 O  O     . HOH D 3 .  ? 4.594   13.222  12.692  1.00 72.31  ? 215 HOH A O     1 
HETATM 427 O  O     . HOH D 3 .  ? 12.991  -1.881  7.217   1.00 53.76  ? 218 HOH A O     1 
HETATM 428 O  O     . HOH D 3 .  ? 11.160  -0.727  6.638   1.00 66.64  ? 219 HOH A O     1 
HETATM 429 O  O     . HOH D 3 .  ? 1.570   3.512   -2.026  1.00 73.10  ? 222 HOH A O     1 
HETATM 430 O  O     . HOH D 3 .  ? 6.747   14.598  14.283  1.00 59.63  ? 223 HOH A O     1 
HETATM 431 O  O     . HOH D 3 .  ? -1.889  10.937  -6.851  1.00 88.26  ? 224 HOH A O     1 
HETATM 432 O  O     . HOH D 3 .  ? -7.785  -8.832  0.855   1.00 58.16  ? 227 HOH A O     1 
HETATM 433 O  O     . HOH E 3 .  ? 0.926   -1.271  -0.795  1.00 85.13  ? 104 HOH B O     1 
HETATM 434 O  O     . HOH E 3 .  ? 1.406   -3.984  -2.225  1.00 91.51  ? 106 HOH B O     1 
HETATM 435 O  O     . HOH E 3 .  ? 3.079   0.311   -0.571  1.00 72.67  ? 209 HOH B O     1 
HETATM 436 O  O     . HOH E 3 .  ? 2.979   -0.995  10.394  1.00 78.73  ? 210 HOH B O     1 
HETATM 437 O  O     . HOH E 3 .  ? 7.995   7.109   -2.810  1.00 64.80  ? 212 HOH B O     1 
HETATM 438 O  O     . HOH E 3 .  ? -1.390  1.107   8.716   1.00 69.73  ? 214 HOH B O     1 
HETATM 439 O  O     . HOH E 3 .  ? 5.406   0.731   -1.382  1.00 70.16  ? 216 HOH B O     1 
HETATM 440 O  O     . HOH E 3 .  ? 3.759   -1.968  14.902  1.00 89.29  ? 217 HOH B O     1 
HETATM 441 O  O     . HOH E 3 .  ? 3.966   -5.475  -1.186  1.00 75.41  ? 220 HOH B O     1 
HETATM 442 O  O     . HOH E 3 .  ? -9.303  -0.635  9.067   1.00 72.48  ? 221 HOH B O     1 
HETATM 443 O  O     . HOH E 3 .  ? 0.366   -3.161  0.893   1.00 70.90  ? 225 HOH B O     1 
HETATM 444 O  O     . HOH E 3 .  ? -9.395  -6.567  -1.068  1.00 61.96  ? 226 HOH B O     1 
# 
